data_3UPC
#
_entry.id   3UPC
#
_cell.length_a   82.610
_cell.length_b   143.120
_cell.length_c   145.610
_cell.angle_alpha   90.000
_cell.angle_beta   90.000
_cell.angle_gamma   90.000
#
_symmetry.space_group_name_H-M   'P 21 21 2'
#
loop_
_entity.id
_entity.type
_entity.pdbx_description
1 polymer 'heavy chain variable domain'
2 non-polymer 'PENTAETHYLENE GLYCOL'
3 non-polymer 'TRIETHYLENE GLYCOL'
4 non-polymer DI(HYDROXYETHYL)ETHER
5 non-polymer 'TETRAETHYLENE GLYCOL'
#
_entity_poly.entity_id   1
_entity_poly.type   'polypeptide(L)'
_entity_poly.pdbx_seq_one_letter_code
;QLLESGGGLVQPGGSLRLSCAASGFTFSDEDMSWVRQAPGKGLEWVSAISGSGGSTYYADSVKGRFTISRDNSKNTLYLQ
MNSLRAEDTAVYYCAKSYGAFDYWGQGTLVTVS
;
_entity_poly.pdbx_strand_id   A,B,C,D,E,F,G,H,I,J
#
# COMPACT_ATOMS: atom_id res chain seq x y z
N GLN A 1 17.21 30.70 -21.98
CA GLN A 1 16.98 29.88 -23.22
C GLN A 1 17.33 28.39 -22.98
N LEU A 2 16.35 27.53 -23.19
CA LEU A 2 16.52 26.08 -23.14
C LEU A 2 15.75 25.45 -24.33
N LEU A 3 16.40 24.58 -25.08
CA LEU A 3 15.78 23.99 -26.26
C LEU A 3 15.84 22.47 -26.19
N GLU A 4 14.67 21.85 -26.04
CA GLU A 4 14.58 20.38 -26.00
C GLU A 4 14.57 19.77 -27.39
N SER A 5 15.08 18.55 -27.51
CA SER A 5 15.00 17.81 -28.73
C SER A 5 15.03 16.32 -28.41
N GLY A 6 14.71 15.48 -29.38
CA GLY A 6 14.77 14.03 -29.21
C GLY A 6 13.45 13.31 -29.16
N GLY A 7 12.35 14.05 -29.02
CA GLY A 7 11.03 13.43 -28.96
C GLY A 7 10.70 12.60 -30.19
N GLY A 8 9.74 11.70 -30.07
CA GLY A 8 9.29 10.90 -31.21
C GLY A 8 8.30 9.81 -30.82
N LEU A 9 7.93 8.97 -31.78
CA LEU A 9 7.03 7.87 -31.55
C LEU A 9 7.88 6.64 -31.23
N VAL A 10 7.59 5.94 -30.15
CA VAL A 10 8.34 4.73 -29.75
C VAL A 10 7.35 3.63 -29.38
N GLN A 11 7.72 2.38 -29.68
CA GLN A 11 6.87 1.23 -29.29
C GLN A 11 7.03 1.03 -27.77
N PRO A 12 6.02 0.44 -27.10
CA PRO A 12 6.21 0.15 -25.69
C PRO A 12 7.34 -0.82 -25.49
N GLY A 13 8.10 -0.62 -24.42
CA GLY A 13 9.33 -1.37 -24.19
C GLY A 13 10.54 -0.70 -24.83
N GLY A 14 10.31 0.37 -25.59
CA GLY A 14 11.38 1.04 -26.35
C GLY A 14 12.18 2.06 -25.55
N SER A 15 13.28 2.51 -26.15
CA SER A 15 14.17 3.50 -25.55
C SER A 15 14.14 4.81 -26.37
N LEU A 16 14.55 5.91 -25.73
CA LEU A 16 14.58 7.22 -26.37
C LEU A 16 15.49 8.12 -25.55
N ARG A 17 16.19 9.04 -26.19
CA ARG A 17 17.10 9.95 -25.48
C ARG A 17 16.83 11.40 -25.81
N LEU A 18 16.30 12.12 -24.83
CA LEU A 18 16.02 13.54 -24.98
C LEU A 18 17.26 14.35 -24.65
N SER A 19 17.39 15.48 -25.32
CA SER A 19 18.54 16.38 -25.16
C SER A 19 17.98 17.79 -24.92
N CYS A 20 18.64 18.54 -24.06
CA CYS A 20 18.24 19.91 -23.80
C CYS A 20 19.47 20.80 -23.86
N ALA A 21 19.42 21.82 -24.71
CA ALA A 21 20.56 22.71 -24.96
C ALA A 21 20.37 24.04 -24.22
N ALA A 22 21.28 24.34 -23.28
CA ALA A 22 21.13 25.53 -22.43
C ALA A 22 22.07 26.64 -22.90
N SER A 23 21.60 27.87 -22.79
CA SER A 23 22.43 29.04 -23.07
C SER A 23 22.01 30.21 -22.21
N GLY A 24 22.88 31.19 -22.10
CA GLY A 24 22.55 32.43 -21.40
C GLY A 24 22.67 32.41 -19.89
N PHE A 25 23.26 31.34 -19.34
CA PHE A 25 23.57 31.31 -17.92
C PHE A 25 24.64 30.28 -17.60
N THR A 26 25.18 30.35 -16.39
CA THR A 26 26.25 29.44 -15.98
C THR A 26 25.63 28.09 -15.66
N PHE A 27 25.64 27.24 -16.68
CA PHE A 27 25.03 25.91 -16.66
C PHE A 27 25.67 25.03 -15.59
N SER A 28 27.00 24.99 -15.56
CA SER A 28 27.80 24.27 -14.56
C SER A 28 27.27 24.42 -13.13
N ASP A 29 26.74 25.61 -12.81
CA ASP A 29 26.31 25.95 -11.47
C ASP A 29 24.81 25.77 -11.21
N GLU A 30 24.07 25.19 -12.15
CA GLU A 30 22.61 25.13 -12.03
C GLU A 30 22.07 23.72 -11.90
N ASP A 31 21.25 23.49 -10.88
CA ASP A 31 20.50 22.24 -10.70
C ASP A 31 19.36 22.23 -11.72
N MET A 32 19.33 21.18 -12.57
CA MET A 32 18.38 21.09 -13.68
C MET A 32 17.41 19.94 -13.49
N SER A 33 16.18 20.10 -13.98
CA SER A 33 15.14 19.10 -13.90
C SER A 33 14.54 18.82 -15.26
N TRP A 34 13.96 17.65 -15.42
CA TRP A 34 13.05 17.37 -16.50
C TRP A 34 11.69 17.30 -15.93
N VAL A 35 10.71 17.85 -16.61
CA VAL A 35 9.31 17.77 -16.15
C VAL A 35 8.48 17.42 -17.37
N ARG A 36 7.27 16.93 -17.16
CA ARG A 36 6.44 16.51 -18.28
C ARG A 36 4.99 16.74 -18.06
N GLN A 37 4.27 16.81 -19.18
CA GLN A 37 2.86 17.06 -19.16
C GLN A 37 2.17 16.02 -20.01
N ALA A 38 1.55 15.06 -19.37
CA ALA A 38 0.75 14.10 -20.11
C ALA A 38 -0.49 14.82 -20.65
N PRO A 39 -1.05 14.31 -21.77
CA PRO A 39 -2.21 14.96 -22.38
C PRO A 39 -3.38 15.10 -21.41
N GLY A 40 -3.86 16.33 -21.23
CA GLY A 40 -4.95 16.64 -20.31
C GLY A 40 -4.52 16.85 -18.88
N LYS A 41 -3.44 16.17 -18.46
CA LYS A 41 -2.91 16.26 -17.10
C LYS A 41 -2.11 17.59 -16.93
N GLY A 42 -1.60 17.81 -15.71
CA GLY A 42 -0.74 18.97 -15.43
C GLY A 42 0.75 18.65 -15.57
N LEU A 43 1.59 19.49 -14.99
CA LEU A 43 3.03 19.28 -15.04
C LEU A 43 3.45 18.36 -13.91
N GLU A 44 4.23 17.34 -14.28
CA GLU A 44 4.70 16.32 -13.36
C GLU A 44 6.22 16.32 -13.44
N TRP A 45 6.87 16.38 -12.29
CA TRP A 45 8.31 16.35 -12.21
C TRP A 45 8.82 14.94 -12.42
N VAL A 46 9.83 14.78 -13.27
CA VAL A 46 10.31 13.45 -13.66
C VAL A 46 11.65 13.15 -13.03
N SER A 47 12.60 14.06 -13.18
CA SER A 47 13.97 13.81 -12.72
C SER A 47 14.76 15.10 -12.51
N ALA A 48 15.84 15.04 -11.75
CA ALA A 48 16.66 16.24 -11.51
C ALA A 48 18.11 15.85 -11.29
N ILE A 49 19.01 16.80 -11.52
CA ILE A 49 20.43 16.53 -11.40
C ILE A 49 21.16 17.76 -10.90
N SER A 50 22.14 17.56 -10.02
CA SER A 50 22.90 18.69 -9.48
C SER A 50 23.81 19.28 -10.55
N GLY A 51 24.29 20.48 -10.31
CA GLY A 51 25.20 21.14 -11.24
C GLY A 51 26.39 20.29 -11.62
N SER A 52 27.07 19.77 -10.61
CA SER A 52 28.24 18.92 -10.83
C SER A 52 27.87 17.65 -11.57
N GLY A 53 26.64 17.18 -11.40
CA GLY A 53 26.25 15.86 -11.88
C GLY A 53 26.41 14.77 -10.83
N GLY A 54 26.85 15.15 -9.64
CA GLY A 54 27.13 14.19 -8.57
C GLY A 54 25.90 13.64 -7.86
N SER A 55 24.79 14.36 -7.94
CA SER A 55 23.56 13.92 -7.32
C SER A 55 22.45 13.87 -8.35
N THR A 56 21.73 12.76 -8.36
CA THR A 56 20.58 12.61 -9.23
C THR A 56 19.33 12.24 -8.44
N TYR A 57 18.17 12.50 -9.02
CA TYR A 57 16.90 12.31 -8.35
C TYR A 57 15.84 11.90 -9.36
N TYR A 58 15.00 10.94 -9.00
CA TYR A 58 13.96 10.46 -9.89
C TYR A 58 12.59 10.34 -9.21
N ALA A 59 11.53 10.60 -9.95
CA ALA A 59 10.18 10.34 -9.46
C ALA A 59 9.97 8.83 -9.37
N ASP A 60 9.15 8.38 -8.44
CA ASP A 60 8.93 6.95 -8.25
C ASP A 60 8.55 6.25 -9.55
N SER A 61 7.74 6.91 -10.36
CA SER A 61 7.20 6.32 -11.57
C SER A 61 8.28 5.98 -12.61
N VAL A 62 9.40 6.71 -12.57
CA VAL A 62 10.47 6.50 -13.54
C VAL A 62 11.76 5.91 -12.93
N LYS A 63 11.85 5.84 -11.61
CA LYS A 63 13.07 5.31 -10.95
C LYS A 63 13.40 3.95 -11.55
N GLY A 64 14.64 3.81 -12.03
CA GLY A 64 15.08 2.54 -12.59
C GLY A 64 14.88 2.37 -14.08
N ARG A 65 14.12 3.26 -14.70
CA ARG A 65 13.90 3.20 -16.14
C ARG A 65 14.59 4.34 -16.87
N PHE A 66 14.57 5.53 -16.24
CA PHE A 66 15.16 6.73 -16.80
C PHE A 66 16.50 7.03 -16.14
N THR A 67 17.40 7.65 -16.89
CA THR A 67 18.66 8.09 -16.33
C THR A 67 18.90 9.52 -16.78
N ILE A 68 19.08 10.43 -15.81
CA ILE A 68 19.34 11.83 -16.12
C ILE A 68 20.85 11.99 -16.13
N SER A 69 21.36 12.85 -17.00
CA SER A 69 22.81 13.14 -17.05
C SER A 69 23.04 14.48 -17.71
N ARG A 70 24.26 14.97 -17.61
CA ARG A 70 24.61 16.24 -18.23
C ARG A 70 26.05 16.26 -18.76
N ASP A 71 26.29 17.17 -19.68
CA ASP A 71 27.63 17.41 -20.20
C ASP A 71 27.86 18.92 -20.14
N ASN A 72 28.58 19.36 -19.10
CA ASN A 72 28.74 20.77 -18.85
C ASN A 72 29.64 21.42 -19.88
N SER A 73 30.57 20.65 -20.43
CA SER A 73 31.42 21.14 -21.52
C SER A 73 30.57 21.55 -22.74
N LYS A 74 29.50 20.81 -23.02
CA LYS A 74 28.64 21.11 -24.15
C LYS A 74 27.32 21.82 -23.71
N ASN A 75 27.24 22.28 -22.45
CA ASN A 75 26.03 22.93 -21.93
C ASN A 75 24.75 22.18 -22.33
N THR A 76 24.68 20.90 -21.98
CA THR A 76 23.59 20.04 -22.41
C THR A 76 23.13 19.08 -21.33
N LEU A 77 21.82 18.91 -21.26
CA LEU A 77 21.20 18.01 -20.31
C LEU A 77 20.56 16.87 -21.09
N TYR A 78 20.57 15.67 -20.50
CA TYR A 78 20.05 14.49 -21.17
C TYR A 78 19.06 13.75 -20.29
N LEU A 79 18.09 13.10 -20.93
CA LEU A 79 17.24 12.10 -20.27
C LEU A 79 17.20 10.88 -21.14
N GLN A 80 17.79 9.79 -20.64
CA GLN A 80 17.73 8.49 -21.29
C GLN A 80 16.50 7.78 -20.77
N MET A 81 15.55 7.49 -21.64
CA MET A 81 14.29 6.85 -21.24
C MET A 81 14.26 5.44 -21.78
N ASN A 82 14.17 4.46 -20.88
CA ASN A 82 14.09 3.04 -21.25
C ASN A 82 12.82 2.38 -20.74
N SER A 83 12.54 1.18 -21.24
CA SER A 83 11.35 0.42 -20.84
C SER A 83 10.11 1.33 -20.86
N LEU A 84 9.92 2.05 -21.96
CA LEU A 84 8.85 3.06 -22.01
C LEU A 84 7.46 2.42 -21.94
N ARG A 85 6.51 3.14 -21.34
CA ARG A 85 5.12 2.70 -21.20
C ARG A 85 4.14 3.81 -21.60
N ALA A 86 2.87 3.45 -21.78
CA ALA A 86 1.81 4.41 -22.15
C ALA A 86 1.84 5.67 -21.28
N GLU A 87 1.93 5.47 -19.97
CA GLU A 87 2.07 6.55 -19.00
C GLU A 87 3.16 7.59 -19.36
N ASP A 88 4.17 7.18 -20.11
CA ASP A 88 5.28 8.08 -20.44
C ASP A 88 4.99 9.04 -21.57
N THR A 89 3.87 8.84 -22.29
CA THR A 89 3.45 9.76 -23.36
C THR A 89 3.18 11.10 -22.71
N ALA A 90 3.88 12.13 -23.21
CA ALA A 90 3.76 13.49 -22.67
C ALA A 90 4.67 14.41 -23.45
N VAL A 91 4.49 15.71 -23.23
CA VAL A 91 5.43 16.72 -23.72
C VAL A 91 6.46 16.93 -22.63
N TYR A 92 7.75 16.75 -22.96
CA TYR A 92 8.83 16.82 -21.96
C TYR A 92 9.51 18.17 -22.05
N TYR A 93 9.80 18.78 -20.89
CA TYR A 93 10.49 20.07 -20.82
C TYR A 93 11.69 19.95 -19.90
N CYS A 94 12.80 20.60 -20.22
CA CYS A 94 13.86 20.77 -19.23
C CYS A 94 13.69 22.13 -18.58
N ALA A 95 14.12 22.24 -17.33
CA ALA A 95 13.91 23.47 -16.58
C ALA A 95 14.93 23.57 -15.47
N LYS A 96 15.24 24.79 -15.06
CA LYS A 96 16.06 25.05 -13.89
C LYS A 96 15.23 24.61 -12.71
N SER A 97 15.80 23.76 -11.87
CA SER A 97 15.08 23.22 -10.70
C SER A 97 14.61 24.29 -9.71
N TYR A 98 15.45 25.29 -9.43
CA TYR A 98 15.13 26.30 -8.41
C TYR A 98 15.07 27.71 -8.96
N GLY A 99 15.04 27.85 -10.27
CA GLY A 99 14.91 29.15 -10.89
C GLY A 99 13.58 29.86 -10.64
N ALA A 100 12.55 29.15 -10.20
CA ALA A 100 11.24 29.75 -10.26
C ALA A 100 10.32 30.01 -9.03
N PHE A 101 9.72 29.03 -8.37
CA PHE A 101 10.04 28.48 -7.04
C PHE A 101 10.97 27.35 -6.57
N ASP A 102 10.84 27.13 -5.24
CA ASP A 102 11.12 25.89 -4.53
C ASP A 102 9.84 25.08 -4.28
N TYR A 103 9.56 24.13 -5.14
CA TYR A 103 8.43 23.22 -5.00
C TYR A 103 8.33 22.44 -3.69
N TRP A 104 9.44 21.95 -3.17
CA TRP A 104 9.37 21.00 -2.06
C TRP A 104 8.97 21.62 -0.77
N GLY A 105 9.46 22.86 -0.53
CA GLY A 105 9.15 23.60 0.70
C GLY A 105 8.09 24.71 0.62
N GLN A 106 7.40 24.81 -0.50
CA GLN A 106 6.44 25.89 -0.66
C GLN A 106 5.05 25.32 -0.59
N GLY A 107 4.06 26.19 -0.76
CA GLY A 107 2.68 25.79 -0.97
C GLY A 107 1.76 26.11 0.18
N THR A 108 0.54 26.52 -0.18
CA THR A 108 -0.53 26.76 0.77
C THR A 108 -1.80 26.01 0.27
N LEU A 109 -2.48 25.32 1.18
CA LEU A 109 -3.62 24.49 0.82
C LEU A 109 -4.95 25.23 0.87
N VAL A 110 -5.68 25.13 -0.25
CA VAL A 110 -7.03 25.66 -0.35
C VAL A 110 -7.93 24.47 -0.58
N THR A 111 -8.83 24.22 0.38
CA THR A 111 -9.84 23.13 0.34
C THR A 111 -11.26 23.74 0.21
N VAL A 112 -11.93 23.52 -0.94
CA VAL A 112 -13.31 24.01 -1.14
C VAL A 112 -14.29 22.84 -1.00
N SER A 113 -14.95 22.73 0.17
CA SER A 113 -15.81 21.59 0.50
C SER A 113 -17.18 22.02 1.00
N GLN B 1 13.59 32.89 -2.42
CA GLN B 1 12.61 32.67 -1.29
C GLN B 1 11.22 33.30 -1.58
N LEU B 2 10.19 32.45 -1.56
CA LEU B 2 8.80 32.85 -1.70
C LEU B 2 8.00 32.10 -0.65
N LEU B 3 7.14 32.80 0.09
CA LEU B 3 6.36 32.18 1.17
C LEU B 3 4.85 32.46 1.03
N GLU B 4 4.10 31.44 0.66
CA GLU B 4 2.64 31.59 0.46
C GLU B 4 1.93 31.55 1.78
N SER B 5 0.76 32.18 1.83
CA SER B 5 -0.12 32.15 3.01
C SER B 5 -1.53 32.45 2.59
N GLY B 6 -2.49 32.17 3.47
CA GLY B 6 -3.89 32.48 3.22
C GLY B 6 -4.80 31.29 2.96
N GLY B 7 -4.22 30.11 2.73
CA GLY B 7 -5.01 28.91 2.46
C GLY B 7 -5.92 28.54 3.60
N GLY B 8 -6.96 27.75 3.32
CA GLY B 8 -7.95 27.35 4.33
C GLY B 8 -9.14 26.58 3.76
N LEU B 9 -10.14 26.33 4.60
CA LEU B 9 -11.38 25.66 4.18
C LEU B 9 -12.37 26.75 3.84
N VAL B 10 -13.02 26.64 2.70
CA VAL B 10 -14.03 27.60 2.25
C VAL B 10 -15.26 26.83 1.71
N GLN B 11 -16.47 27.37 1.95
CA GLN B 11 -17.70 26.78 1.39
C GLN B 11 -17.74 27.11 -0.12
N PRO B 12 -18.36 26.25 -0.94
CA PRO B 12 -18.47 26.60 -2.35
C PRO B 12 -19.23 27.91 -2.52
N GLY B 13 -18.82 28.72 -3.48
CA GLY B 13 -19.36 30.06 -3.64
C GLY B 13 -18.58 31.10 -2.83
N GLY B 14 -17.68 30.64 -1.99
CA GLY B 14 -16.95 31.54 -1.10
C GLY B 14 -15.76 32.24 -1.74
N SER B 15 -15.18 33.16 -0.97
CA SER B 15 -14.01 33.93 -1.38
C SER B 15 -12.78 33.63 -0.49
N LEU B 16 -11.59 33.88 -1.00
CA LEU B 16 -10.36 33.66 -0.25
C LEU B 16 -9.26 34.45 -0.89
N ARG B 17 -8.31 34.93 -0.10
CA ARG B 17 -7.22 35.77 -0.60
C ARG B 17 -5.86 35.23 -0.22
N LEU B 18 -5.16 34.68 -1.20
CA LEU B 18 -3.82 34.14 -0.97
C LEU B 18 -2.79 35.25 -1.12
N SER B 19 -1.73 35.18 -0.32
CA SER B 19 -0.66 36.17 -0.30
C SER B 19 0.67 35.45 -0.52
N CYS B 20 1.59 36.06 -1.24
CA CYS B 20 2.91 35.47 -1.42
C CYS B 20 3.99 36.52 -1.17
N ALA B 21 4.88 36.23 -0.23
CA ALA B 21 5.91 37.20 0.21
C ALA B 21 7.25 36.87 -0.45
N ALA B 22 7.79 37.81 -1.22
CA ALA B 22 9.02 37.55 -1.97
C ALA B 22 10.18 38.26 -1.34
N SER B 23 11.35 37.62 -1.40
CA SER B 23 12.59 38.24 -0.93
C SER B 23 13.77 37.67 -1.73
N GLY B 24 14.89 38.38 -1.69
CA GLY B 24 16.13 37.91 -2.31
C GLY B 24 16.29 38.20 -3.79
N PHE B 25 15.35 38.97 -4.37
CA PHE B 25 15.51 39.43 -5.75
C PHE B 25 14.72 40.67 -6.04
N THR B 26 14.97 41.27 -7.19
CA THR B 26 14.27 42.48 -7.56
C THR B 26 12.86 42.09 -8.03
N PHE B 27 11.92 42.15 -7.08
CA PHE B 27 10.53 41.77 -7.28
C PHE B 27 9.85 42.66 -8.35
N SER B 28 10.02 43.98 -8.21
CA SER B 28 9.52 44.97 -9.18
C SER B 28 9.74 44.52 -10.64
N ASP B 29 10.86 43.87 -10.92
CA ASP B 29 11.26 43.57 -12.30
C ASP B 29 10.86 42.16 -12.75
N GLU B 30 10.09 41.41 -11.94
CA GLU B 30 9.85 39.99 -12.21
C GLU B 30 8.39 39.67 -12.47
N ASP B 31 8.12 39.02 -13.60
CA ASP B 31 6.80 38.51 -13.93
C ASP B 31 6.51 37.29 -13.06
N MET B 32 5.43 37.34 -12.30
CA MET B 32 5.10 36.30 -11.32
C MET B 32 3.85 35.53 -11.74
N SER B 33 3.78 34.26 -11.35
CA SER B 33 2.62 33.42 -11.62
C SER B 33 2.12 32.75 -10.36
N TRP B 34 0.85 32.39 -10.36
CA TRP B 34 0.31 31.43 -9.41
C TRP B 34 0.09 30.15 -10.15
N VAL B 35 0.45 29.04 -9.54
CA VAL B 35 0.18 27.73 -10.13
C VAL B 35 -0.41 26.85 -9.02
N ARG B 36 -1.07 25.76 -9.39
CA ARG B 36 -1.69 24.94 -8.38
C ARG B 36 -1.66 23.48 -8.71
N GLN B 37 -1.75 22.65 -7.66
CA GLN B 37 -1.75 21.23 -7.81
C GLN B 37 -2.96 20.62 -7.13
N ALA B 38 -3.94 20.21 -7.92
CA ALA B 38 -5.10 19.51 -7.37
C ALA B 38 -4.65 18.14 -6.89
N PRO B 39 -5.34 17.58 -5.90
CA PRO B 39 -4.94 16.27 -5.36
C PRO B 39 -4.89 15.19 -6.42
N GLY B 40 -3.74 14.53 -6.54
CA GLY B 40 -3.52 13.49 -7.55
C GLY B 40 -3.14 14.01 -8.92
N LYS B 41 -3.59 15.21 -9.29
CA LYS B 41 -3.25 15.84 -10.55
C LYS B 41 -1.81 16.44 -10.54
N GLY B 42 -1.41 17.04 -11.66
CA GLY B 42 -0.12 17.74 -11.75
C GLY B 42 -0.21 19.24 -11.50
N LEU B 43 0.82 19.96 -11.90
CA LEU B 43 0.84 21.41 -11.75
C LEU B 43 0.08 22.09 -12.88
N GLU B 44 -0.83 22.98 -12.52
CA GLU B 44 -1.68 23.70 -13.45
C GLU B 44 -1.45 25.19 -13.19
N TRP B 45 -1.18 25.91 -14.27
CA TRP B 45 -0.99 27.35 -14.21
C TRP B 45 -2.33 28.05 -14.06
N VAL B 46 -2.40 29.00 -13.14
CA VAL B 46 -3.67 29.62 -12.81
C VAL B 46 -3.74 31.05 -13.29
N SER B 47 -2.71 31.83 -12.99
CA SER B 47 -2.72 33.25 -13.35
C SER B 47 -1.30 33.86 -13.32
N ALA B 48 -1.12 34.98 -14.01
CA ALA B 48 0.20 35.61 -14.08
C ALA B 48 0.07 37.12 -14.15
N ILE B 49 1.12 37.83 -13.72
CA ILE B 49 1.10 39.30 -13.71
C ILE B 49 2.47 39.86 -14.02
N SER B 50 2.51 40.93 -14.81
CA SER B 50 3.77 41.56 -15.20
C SER B 50 4.37 42.27 -14.01
N GLY B 51 5.68 42.55 -14.09
CA GLY B 51 6.38 43.24 -13.02
C GLY B 51 5.66 44.51 -12.59
N SER B 52 5.36 45.35 -13.57
CA SER B 52 4.69 46.63 -13.30
C SER B 52 3.28 46.41 -12.73
N GLY B 53 2.66 45.29 -13.08
CA GLY B 53 1.25 45.05 -12.74
C GLY B 53 0.31 45.46 -13.87
N GLY B 54 0.89 45.94 -14.96
CA GLY B 54 0.11 46.48 -16.06
C GLY B 54 -0.52 45.45 -16.94
N SER B 55 0.00 44.23 -16.93
CA SER B 55 -0.60 43.14 -17.69
C SER B 55 -0.92 41.97 -16.77
N THR B 56 -2.12 41.43 -16.88
CA THR B 56 -2.53 40.24 -16.14
C THR B 56 -3.06 39.16 -17.12
N TYR B 57 -2.97 37.91 -16.66
CA TYR B 57 -3.28 36.75 -17.46
C TYR B 57 -3.93 35.68 -16.59
N TYR B 58 -4.98 35.04 -17.09
CA TYR B 58 -5.71 34.02 -16.35
C TYR B 58 -5.96 32.77 -17.20
N ALA B 59 -5.93 31.60 -16.58
CA ALA B 59 -6.37 30.36 -17.22
C ALA B 59 -7.90 30.43 -17.44
N ASP B 60 -8.36 29.78 -18.50
CA ASP B 60 -9.79 29.80 -18.83
C ASP B 60 -10.66 29.45 -17.63
N SER B 61 -10.26 28.44 -16.86
CA SER B 61 -11.05 27.92 -15.72
C SER B 61 -11.34 29.00 -14.66
N VAL B 62 -10.42 29.95 -14.49
CA VAL B 62 -10.52 30.93 -13.43
C VAL B 62 -10.84 32.33 -13.93
N LYS B 63 -10.75 32.56 -15.24
CA LYS B 63 -11.01 33.88 -15.81
C LYS B 63 -12.36 34.38 -15.33
N GLY B 64 -12.37 35.56 -14.74
CA GLY B 64 -13.60 36.16 -14.24
C GLY B 64 -13.91 35.87 -12.78
N ARG B 65 -13.23 34.93 -12.17
CA ARG B 65 -13.45 34.58 -10.77
C ARG B 65 -12.26 35.02 -9.92
N PHE B 66 -11.06 34.92 -10.45
CA PHE B 66 -9.85 35.19 -9.69
C PHE B 66 -9.32 36.51 -10.18
N THR B 67 -8.59 37.21 -9.31
CA THR B 67 -7.90 38.44 -9.68
C THR B 67 -6.50 38.41 -9.12
N ILE B 68 -5.51 38.52 -9.98
CA ILE B 68 -4.13 38.54 -9.53
C ILE B 68 -3.72 40.00 -9.37
N SER B 69 -2.91 40.29 -8.36
CA SER B 69 -2.42 41.66 -8.16
C SER B 69 -1.13 41.63 -7.39
N ARG B 70 -0.44 42.76 -7.32
CA ARG B 70 0.81 42.83 -6.55
C ARG B 70 1.01 44.19 -5.88
N ASP B 71 1.88 44.22 -4.89
CA ASP B 71 2.22 45.43 -4.20
C ASP B 71 3.73 45.42 -4.11
N ASN B 72 4.38 46.13 -5.04
CA ASN B 72 5.83 46.08 -5.14
C ASN B 72 6.48 46.77 -3.93
N SER B 73 5.82 47.76 -3.37
CA SER B 73 6.28 48.42 -2.16
C SER B 73 6.47 47.41 -1.02
N LYS B 74 5.57 46.45 -0.94
CA LYS B 74 5.63 45.39 0.11
C LYS B 74 6.18 44.06 -0.40
N ASN B 75 6.73 44.03 -1.61
CA ASN B 75 7.25 42.80 -2.20
C ASN B 75 6.29 41.62 -2.02
N THR B 76 5.04 41.81 -2.44
CA THR B 76 4.00 40.82 -2.21
C THR B 76 3.10 40.63 -3.42
N LEU B 77 2.72 39.38 -3.63
CA LEU B 77 1.82 38.98 -4.70
C LEU B 77 0.53 38.45 -4.10
N TYR B 78 -0.59 38.68 -4.76
CA TYR B 78 -1.92 38.34 -4.24
C TYR B 78 -2.71 37.55 -5.26
N LEU B 79 -3.55 36.66 -4.77
CA LEU B 79 -4.58 36.04 -5.60
C LEU B 79 -5.90 36.11 -4.84
N GLN B 80 -6.81 36.93 -5.36
CA GLN B 80 -8.16 37.00 -4.84
C GLN B 80 -9.00 35.94 -5.56
N MET B 81 -9.50 34.97 -4.82
CA MET B 81 -10.29 33.89 -5.39
C MET B 81 -11.74 34.04 -4.98
N ASN B 82 -12.62 34.17 -5.96
CA ASN B 82 -14.07 34.30 -5.70
C ASN B 82 -14.85 33.22 -6.38
N SER B 83 -16.13 33.08 -6.02
CA SER B 83 -17.01 32.05 -6.59
C SER B 83 -16.30 30.70 -6.67
N LEU B 84 -15.73 30.28 -5.54
CA LEU B 84 -14.90 29.06 -5.48
C LEU B 84 -15.73 27.82 -5.75
N ARG B 85 -15.13 26.82 -6.39
CA ARG B 85 -15.78 25.53 -6.68
C ARG B 85 -14.88 24.37 -6.27
N ALA B 86 -15.42 23.16 -6.29
CA ALA B 86 -14.67 21.94 -5.96
C ALA B 86 -13.33 21.84 -6.71
N GLU B 87 -13.39 22.08 -8.02
CA GLU B 87 -12.20 22.12 -8.89
C GLU B 87 -11.05 22.99 -8.35
N ASP B 88 -11.37 23.99 -7.55
CA ASP B 88 -10.34 24.91 -7.03
C ASP B 88 -9.53 24.33 -5.85
N THR B 89 -9.98 23.20 -5.30
CA THR B 89 -9.25 22.55 -4.22
C THR B 89 -7.90 22.12 -4.75
N ALA B 90 -6.84 22.62 -4.10
CA ALA B 90 -5.47 22.33 -4.53
C ALA B 90 -4.49 23.01 -3.59
N VAL B 91 -3.22 22.67 -3.76
CA VAL B 91 -2.16 23.41 -3.10
C VAL B 91 -1.72 24.47 -4.07
N TYR B 92 -1.72 25.73 -3.63
CA TYR B 92 -1.36 26.86 -4.49
C TYR B 92 0.09 27.30 -4.20
N TYR B 93 0.83 27.61 -5.27
CA TYR B 93 2.20 28.07 -5.15
C TYR B 93 2.34 29.35 -5.96
N CYS B 94 3.10 30.33 -5.46
CA CYS B 94 3.52 31.45 -6.32
C CYS B 94 4.90 31.12 -6.87
N ALA B 95 5.21 31.67 -8.04
CA ALA B 95 6.45 31.32 -8.73
C ALA B 95 6.84 32.41 -9.72
N LYS B 96 8.13 32.52 -9.99
CA LYS B 96 8.60 33.39 -11.04
C LYS B 96 8.15 32.77 -12.36
N SER B 97 7.45 33.52 -13.18
CA SER B 97 6.91 33.00 -14.45
C SER B 97 7.99 32.47 -15.40
N TYR B 98 9.12 33.16 -15.52
CA TYR B 98 10.16 32.76 -16.49
C TYR B 98 11.51 32.45 -15.86
N GLY B 99 11.54 32.06 -14.61
CA GLY B 99 12.77 31.65 -13.98
C GLY B 99 13.11 30.20 -14.24
N ALA B 100 12.15 29.43 -14.73
CA ALA B 100 12.32 27.98 -14.93
C ALA B 100 13.13 27.69 -16.21
N PHE B 101 12.75 28.06 -17.44
CA PHE B 101 11.64 27.55 -18.29
C PHE B 101 10.57 28.49 -18.89
N ASP B 102 10.53 28.47 -20.23
CA ASP B 102 9.45 29.05 -21.01
C ASP B 102 8.40 28.01 -21.45
N TYR B 103 7.34 27.87 -20.68
CA TYR B 103 6.31 26.89 -20.94
C TYR B 103 5.74 26.99 -22.36
N TRP B 104 5.52 28.21 -22.83
CA TRP B 104 4.81 28.43 -24.09
C TRP B 104 5.57 28.07 -25.34
N GLY B 105 6.90 28.22 -25.28
CA GLY B 105 7.81 27.97 -26.40
C GLY B 105 8.59 26.67 -26.35
N GLN B 106 8.58 25.97 -25.23
CA GLN B 106 9.40 24.77 -25.07
C GLN B 106 8.62 23.45 -25.22
N GLY B 107 9.34 22.34 -25.08
CA GLY B 107 8.74 21.05 -24.98
C GLY B 107 9.02 20.22 -26.22
N THR B 108 9.22 18.92 -26.00
CA THR B 108 9.37 17.96 -27.05
C THR B 108 8.43 16.81 -26.72
N LEU B 109 7.76 16.27 -27.75
CA LEU B 109 6.70 15.25 -27.56
C LEU B 109 7.22 13.82 -27.70
N VAL B 110 7.01 13.04 -26.65
CA VAL B 110 7.27 11.61 -26.66
C VAL B 110 5.94 10.88 -26.65
N THR B 111 5.80 9.94 -27.58
CA THR B 111 4.56 9.21 -27.78
C THR B 111 4.87 7.73 -27.79
N VAL B 112 4.26 7.00 -26.86
CA VAL B 112 4.40 5.53 -26.78
C VAL B 112 3.05 4.90 -27.17
N SER B 113 3.02 4.13 -28.27
CA SER B 113 1.76 3.49 -28.71
C SER B 113 1.97 2.09 -29.30
N GLN C 1 -4.77 42.87 -45.42
CA GLN C 1 -4.73 41.66 -46.34
C GLN C 1 -3.78 40.52 -45.88
N LEU C 2 -4.34 39.32 -45.68
CA LEU C 2 -3.57 38.11 -45.39
C LEU C 2 -4.13 36.97 -46.27
N LEU C 3 -3.26 36.18 -46.90
CA LEU C 3 -3.71 35.10 -47.78
C LEU C 3 -3.06 33.80 -47.39
N GLU C 4 -3.84 32.88 -46.83
CA GLU C 4 -3.32 31.54 -46.46
C GLU C 4 -3.21 30.62 -47.67
N SER C 5 -2.29 29.68 -47.62
CA SER C 5 -2.16 28.64 -48.63
C SER C 5 -1.45 27.42 -48.03
N GLY C 6 -1.53 26.29 -48.72
CA GLY C 6 -0.88 25.07 -48.25
C GLY C 6 -1.79 23.96 -47.75
N GLY C 7 -3.07 24.25 -47.55
CA GLY C 7 -4.01 23.24 -47.06
C GLY C 7 -4.15 22.08 -48.03
N GLY C 8 -4.63 20.95 -47.52
CA GLY C 8 -4.84 19.75 -48.35
C GLY C 8 -5.25 18.52 -47.56
N LEU C 9 -5.29 17.37 -48.23
CA LEU C 9 -5.61 16.10 -47.58
C LEU C 9 -4.29 15.45 -47.17
N VAL C 10 -4.20 15.00 -45.93
CA VAL C 10 -2.99 14.34 -45.43
C VAL C 10 -3.42 13.07 -44.68
N GLN C 11 -2.62 12.02 -44.75
CA GLN C 11 -2.85 10.80 -43.97
C GLN C 11 -2.45 11.10 -42.50
N PRO C 12 -3.09 10.40 -41.53
CA PRO C 12 -2.67 10.62 -40.14
C PRO C 12 -1.21 10.25 -39.99
N GLY C 13 -0.50 11.00 -39.16
CA GLY C 13 0.94 10.85 -39.02
C GLY C 13 1.71 11.66 -40.03
N GLY C 14 1.00 12.31 -40.96
CA GLY C 14 1.63 13.07 -42.03
C GLY C 14 2.00 14.49 -41.67
N SER C 15 2.74 15.15 -42.58
CA SER C 15 3.21 16.51 -42.38
C SER C 15 2.59 17.45 -43.43
N LEU C 16 2.57 18.73 -43.13
CA LEU C 16 2.01 19.74 -44.04
C LEU C 16 2.56 21.10 -43.65
N ARG C 17 2.78 21.97 -44.62
CA ARG C 17 3.29 23.31 -44.32
C ARG C 17 2.39 24.41 -44.84
N LEU C 18 1.74 25.13 -43.92
CA LEU C 18 0.89 26.26 -44.32
C LEU C 18 1.73 27.54 -44.44
N SER C 19 1.31 28.42 -45.35
CA SER C 19 2.00 29.69 -45.57
C SER C 19 0.98 30.79 -45.55
N CYS C 20 1.37 31.94 -45.03
CA CYS C 20 0.47 33.08 -44.97
C CYS C 20 1.19 34.32 -45.49
N ALA C 21 0.65 34.95 -46.52
CA ALA C 21 1.29 36.09 -47.19
C ALA C 21 0.66 37.41 -46.74
N ALA C 22 1.46 38.26 -46.11
CA ALA C 22 0.94 39.50 -45.53
C ALA C 22 1.28 40.68 -46.41
N SER C 23 0.35 41.65 -46.48
CA SER C 23 0.59 42.92 -47.19
C SER C 23 -0.19 44.05 -46.53
N GLY C 24 0.24 45.28 -46.76
CA GLY C 24 -0.48 46.46 -46.29
C GLY C 24 -0.16 46.92 -44.88
N PHE C 25 0.84 46.32 -44.25
CA PHE C 25 1.27 46.80 -42.95
C PHE C 25 2.68 46.37 -42.67
N THR C 26 3.27 46.96 -41.63
CA THR C 26 4.64 46.65 -41.24
C THR C 26 4.67 45.32 -40.51
N PHE C 27 4.90 44.27 -41.30
CA PHE C 27 4.89 42.90 -40.85
C PHE C 27 5.91 42.64 -39.74
N SER C 28 7.15 43.08 -39.99
CA SER C 28 8.26 42.99 -39.04
C SER C 28 7.82 43.32 -37.62
N ASP C 29 6.92 44.30 -37.49
CA ASP C 29 6.55 44.84 -36.18
C ASP C 29 5.28 44.22 -35.60
N GLU C 30 4.74 43.17 -36.22
CA GLU C 30 3.45 42.62 -35.79
C GLU C 30 3.50 41.18 -35.27
N ASP C 31 3.00 40.95 -34.06
CA ASP C 31 2.88 39.63 -33.44
C ASP C 31 1.73 38.91 -34.19
N MET C 32 2.03 37.75 -34.76
CA MET C 32 1.08 37.00 -35.59
C MET C 32 0.68 35.67 -34.95
N SER C 33 -0.55 35.24 -35.23
CA SER C 33 -1.08 33.97 -34.72
C SER C 33 -1.63 33.11 -35.84
N TRP C 34 -1.66 31.81 -35.62
CA TRP C 34 -2.49 30.92 -36.42
C TRP C 34 -3.64 30.53 -35.56
N VAL C 35 -4.83 30.48 -36.14
CA VAL C 35 -6.01 30.00 -35.42
C VAL C 35 -6.76 29.05 -36.33
N ARG C 36 -7.61 28.22 -35.76
CA ARG C 36 -8.31 27.26 -36.60
C ARG C 36 -9.71 27.02 -36.16
N GLN C 37 -10.52 26.53 -37.09
CA GLN C 37 -11.92 26.22 -36.83
C GLN C 37 -12.20 24.79 -37.28
N ALA C 38 -12.32 23.88 -36.32
CA ALA C 38 -12.72 22.51 -36.60
C ALA C 38 -14.19 22.48 -36.98
N PRO C 39 -14.61 21.49 -37.80
CA PRO C 39 -15.96 21.50 -38.32
C PRO C 39 -16.97 21.52 -37.17
N GLY C 40 -17.90 22.46 -37.22
CA GLY C 40 -18.93 22.58 -36.19
C GLY C 40 -18.47 23.30 -34.92
N LYS C 41 -17.19 23.22 -34.61
CA LYS C 41 -16.62 23.90 -33.44
C LYS C 41 -16.39 25.41 -33.72
N GLY C 42 -15.88 26.13 -32.72
CA GLY C 42 -15.54 27.56 -32.89
C GLY C 42 -14.07 27.79 -33.22
N LEU C 43 -13.61 29.02 -33.05
CA LEU C 43 -12.22 29.36 -33.35
C LEU C 43 -11.32 29.05 -32.19
N GLU C 44 -10.27 28.29 -32.48
CA GLU C 44 -9.31 27.80 -31.50
C GLU C 44 -7.92 28.31 -31.89
N TRP C 45 -7.27 28.94 -30.95
CA TRP C 45 -5.93 29.49 -31.17
C TRP C 45 -4.96 28.35 -31.18
N VAL C 46 -4.05 28.34 -32.15
CA VAL C 46 -3.11 27.23 -32.30
C VAL C 46 -1.68 27.62 -31.92
N SER C 47 -1.19 28.73 -32.46
CA SER C 47 0.16 29.12 -32.24
C SER C 47 0.36 30.63 -32.48
N ALA C 48 1.45 31.19 -31.97
CA ALA C 48 1.77 32.61 -32.15
C ALA C 48 3.27 32.85 -32.18
N ILE C 49 3.67 33.97 -32.77
CA ILE C 49 5.08 34.31 -32.90
C ILE C 49 5.29 35.81 -32.83
N SER C 50 6.35 36.24 -32.16
CA SER C 50 6.62 37.66 -32.02
C SER C 50 7.08 38.24 -33.35
N GLY C 51 7.07 39.56 -33.47
CA GLY C 51 7.51 40.22 -34.68
C GLY C 51 8.90 39.79 -35.11
N SER C 52 9.83 39.84 -34.17
CA SER C 52 11.21 39.44 -34.42
C SER C 52 11.35 37.98 -34.76
N GLY C 53 10.43 37.17 -34.25
CA GLY C 53 10.55 35.71 -34.36
C GLY C 53 11.26 35.10 -33.15
N GLY C 54 11.63 35.94 -32.19
CA GLY C 54 12.38 35.50 -31.01
C GLY C 54 11.57 34.74 -29.96
N SER C 55 10.26 34.94 -29.97
CA SER C 55 9.37 34.27 -29.03
C SER C 55 8.25 33.55 -29.76
N THR C 56 8.05 32.28 -29.43
CA THR C 56 7.00 31.49 -30.02
C THR C 56 6.11 30.91 -28.90
N TYR C 57 4.88 30.57 -29.28
CA TYR C 57 3.87 30.09 -28.36
C TYR C 57 3.02 29.03 -29.04
N TYR C 58 2.66 28.00 -28.31
CA TYR C 58 1.83 26.92 -28.83
C TYR C 58 0.71 26.50 -27.87
N ALA C 59 -0.43 26.12 -28.43
CA ALA C 59 -1.50 25.54 -27.63
C ALA C 59 -1.06 24.17 -27.18
N ASP C 60 -1.55 23.74 -26.03
CA ASP C 60 -1.17 22.42 -25.50
C ASP C 60 -1.36 21.27 -26.49
N SER C 61 -2.45 21.31 -27.24
CA SER C 61 -2.79 20.23 -28.17
C SER C 61 -1.79 20.10 -29.31
N VAL C 62 -1.08 21.17 -29.66
CA VAL C 62 -0.14 21.12 -30.76
C VAL C 62 1.33 21.23 -30.33
N LYS C 63 1.59 21.55 -29.07
CA LYS C 63 2.95 21.73 -28.56
C LYS C 63 3.76 20.47 -28.92
N GLY C 64 4.90 20.67 -29.57
CA GLY C 64 5.76 19.54 -29.94
C GLY C 64 5.46 18.85 -31.26
N ARG C 65 4.39 19.24 -31.92
CA ARG C 65 4.06 18.74 -33.25
C ARG C 65 4.10 19.82 -34.31
N PHE C 66 3.71 21.04 -33.96
CA PHE C 66 3.71 22.16 -34.88
C PHE C 66 4.88 23.08 -34.59
N THR C 67 5.35 23.77 -35.62
CA THR C 67 6.38 24.79 -35.46
C THR C 67 5.95 26.02 -36.21
N ILE C 68 5.86 27.16 -35.54
CA ILE C 68 5.52 28.41 -36.17
C ILE C 68 6.83 29.11 -36.50
N SER C 69 6.86 29.80 -37.63
CA SER C 69 8.03 30.59 -38.02
C SER C 69 7.64 31.71 -38.98
N ARG C 70 8.56 32.63 -39.26
CA ARG C 70 8.28 33.69 -40.19
C ARG C 70 9.52 34.14 -40.92
N ASP C 71 9.31 34.79 -42.06
CA ASP C 71 10.39 35.35 -42.85
C ASP C 71 9.96 36.76 -43.18
N ASN C 72 10.53 37.70 -42.45
CA ASN C 72 10.11 39.08 -42.58
C ASN C 72 10.56 39.70 -43.89
N SER C 73 11.67 39.21 -44.44
CA SER C 73 12.12 39.63 -45.76
C SER C 73 11.01 39.38 -46.78
N LYS C 74 10.34 38.23 -46.67
CA LYS C 74 9.31 37.84 -47.62
C LYS C 74 7.90 38.14 -47.13
N ASN C 75 7.77 38.85 -46.01
CA ASN C 75 6.47 39.12 -45.39
C ASN C 75 5.56 37.90 -45.32
N THR C 76 6.07 36.83 -44.75
CA THR C 76 5.37 35.56 -44.78
C THR C 76 5.44 34.86 -43.43
N LEU C 77 4.34 34.21 -43.08
CA LEU C 77 4.25 33.43 -41.85
C LEU C 77 4.08 31.95 -42.25
N TYR C 78 4.60 31.06 -41.42
CA TYR C 78 4.57 29.63 -41.71
C TYR C 78 4.08 28.84 -40.53
N LEU C 79 3.40 27.73 -40.80
CA LEU C 79 3.09 26.74 -39.77
C LEU C 79 3.45 25.36 -40.32
N GLN C 80 4.45 24.76 -39.72
CA GLN C 80 4.86 23.41 -40.05
C GLN C 80 4.03 22.52 -39.18
N MET C 81 3.25 21.64 -39.77
CA MET C 81 2.41 20.72 -39.02
C MET C 81 2.95 19.33 -39.21
N ASN C 82 3.32 18.65 -38.12
CA ASN C 82 3.77 17.25 -38.16
C ASN C 82 2.94 16.35 -37.26
N SER C 83 3.14 15.05 -37.39
CA SER C 83 2.39 14.07 -36.61
C SER C 83 0.89 14.42 -36.57
N LEU C 84 0.31 14.67 -37.74
CA LEU C 84 -1.08 15.14 -37.82
C LEU C 84 -2.08 14.08 -37.37
N ARG C 85 -3.15 14.55 -36.71
CA ARG C 85 -4.22 13.68 -36.19
C ARG C 85 -5.59 14.20 -36.60
N ALA C 86 -6.62 13.38 -36.41
CA ALA C 86 -8.01 13.75 -36.77
C ALA C 86 -8.40 15.11 -36.20
N GLU C 87 -8.10 15.31 -34.91
CA GLU C 87 -8.33 16.60 -34.25
C GLU C 87 -7.82 17.83 -35.07
N ASP C 88 -6.80 17.62 -35.90
CA ASP C 88 -6.20 18.75 -36.63
C ASP C 88 -6.99 19.17 -37.87
N THR C 89 -7.99 18.37 -38.26
CA THR C 89 -8.85 18.74 -39.36
C THR C 89 -9.59 20.01 -39.02
N ALA C 90 -9.39 21.05 -39.83
CA ALA C 90 -9.99 22.36 -39.59
C ALA C 90 -9.66 23.29 -40.76
N VAL C 91 -10.31 24.45 -40.78
CA VAL C 91 -9.89 25.56 -41.63
C VAL C 91 -8.91 26.38 -40.79
N TYR C 92 -7.72 26.64 -41.33
CA TYR C 92 -6.69 27.38 -40.64
C TYR C 92 -6.65 28.82 -41.15
N TYR C 93 -6.53 29.78 -40.23
CA TYR C 93 -6.39 31.20 -40.56
C TYR C 93 -5.14 31.82 -39.91
N CYS C 94 -4.43 32.69 -40.61
CA CYS C 94 -3.44 33.51 -39.94
C CYS C 94 -4.10 34.84 -39.59
N ALA C 95 -3.62 35.45 -38.52
CA ALA C 95 -4.21 36.67 -38.01
C ALA C 95 -3.19 37.47 -37.20
N LYS C 96 -3.39 38.77 -37.12
CA LYS C 96 -2.65 39.59 -36.19
C LYS C 96 -3.09 39.27 -34.78
N SER C 97 -2.14 38.94 -33.92
CA SER C 97 -2.43 38.51 -32.56
C SER C 97 -3.21 39.56 -31.79
N TYR C 98 -2.81 40.82 -31.91
CA TYR C 98 -3.38 41.89 -31.10
C TYR C 98 -4.03 42.95 -31.98
N GLY C 99 -4.34 42.59 -33.22
CA GLY C 99 -4.87 43.54 -34.18
C GLY C 99 -6.28 44.03 -33.94
N ALA C 100 -7.04 43.28 -33.12
CA ALA C 100 -8.49 43.44 -33.09
C ALA C 100 -9.27 43.63 -31.81
N PHE C 101 -9.24 42.69 -30.89
CA PHE C 101 -8.68 42.79 -29.56
C PHE C 101 -7.35 42.31 -28.94
N ASP C 102 -7.31 42.53 -27.61
CA ASP C 102 -6.34 41.96 -26.68
C ASP C 102 -7.01 40.92 -25.76
N TYR C 103 -6.87 39.68 -26.17
CA TYR C 103 -7.52 38.56 -25.50
C TYR C 103 -7.21 38.47 -24.01
N TRP C 104 -5.94 38.51 -23.70
CA TRP C 104 -5.50 38.28 -22.34
C TRP C 104 -5.98 39.41 -21.50
N GLY C 105 -5.92 40.62 -22.07
CA GLY C 105 -6.23 41.82 -21.33
C GLY C 105 -7.69 42.17 -21.18
N GLN C 106 -8.58 41.49 -21.91
CA GLN C 106 -9.99 41.88 -22.01
C GLN C 106 -10.83 40.71 -21.60
N GLY C 107 -12.15 40.91 -21.65
CA GLY C 107 -13.11 39.87 -21.31
C GLY C 107 -13.93 40.09 -20.03
N THR C 108 -15.27 40.07 -20.19
CA THR C 108 -16.18 40.15 -19.07
C THR C 108 -17.08 38.89 -19.03
N LEU C 109 -17.18 38.29 -17.84
CA LEU C 109 -17.82 37.00 -17.68
C LEU C 109 -19.29 37.18 -17.36
N VAL C 110 -20.14 36.57 -18.20
CA VAL C 110 -21.60 36.52 -18.00
C VAL C 110 -21.96 35.08 -17.66
N THR C 111 -22.64 34.91 -16.53
CA THR C 111 -23.06 33.60 -16.06
C THR C 111 -24.59 33.57 -16.00
N VAL C 112 -25.21 32.59 -16.65
CA VAL C 112 -26.65 32.38 -16.50
C VAL C 112 -26.88 31.04 -15.78
N SER C 113 -27.41 31.09 -14.55
CA SER C 113 -27.65 29.89 -13.71
C SER C 113 -28.95 29.99 -12.93
N GLN D 1 -6.93 49.86 -27.71
CA GLN D 1 -7.54 49.70 -26.36
C GLN D 1 -9.11 49.57 -26.41
N LEU D 2 -9.61 48.46 -25.88
CA LEU D 2 -11.02 48.24 -25.74
C LEU D 2 -11.28 47.66 -24.35
N LEU D 3 -12.26 48.20 -23.63
CA LEU D 3 -12.55 47.73 -22.27
C LEU D 3 -14.03 47.36 -22.13
N GLU D 4 -14.29 46.08 -21.95
CA GLU D 4 -15.67 45.60 -21.73
C GLU D 4 -16.12 45.80 -20.31
N SER D 5 -17.42 45.94 -20.13
CA SER D 5 -18.04 46.00 -18.80
C SER D 5 -19.50 45.57 -18.87
N GLY D 6 -20.07 45.24 -17.72
CA GLY D 6 -21.47 44.85 -17.65
C GLY D 6 -21.76 43.42 -17.23
N GLY D 7 -20.73 42.58 -17.28
CA GLY D 7 -20.91 41.16 -17.00
C GLY D 7 -21.39 40.89 -15.59
N GLY D 8 -22.00 39.73 -15.38
CA GLY D 8 -22.58 39.39 -14.09
C GLY D 8 -23.34 38.06 -14.06
N LEU D 9 -24.03 37.79 -12.96
CA LEU D 9 -24.89 36.59 -12.84
C LEU D 9 -26.31 37.02 -13.19
N VAL D 10 -26.97 36.27 -14.08
CA VAL D 10 -28.37 36.53 -14.46
C VAL D 10 -29.18 35.23 -14.42
N GLN D 11 -30.45 35.30 -14.00
CA GLN D 11 -31.32 34.12 -14.03
C GLN D 11 -31.69 33.84 -15.50
N PRO D 12 -31.95 32.55 -15.85
CA PRO D 12 -32.40 32.29 -17.21
C PRO D 12 -33.69 33.04 -17.51
N GLY D 13 -33.80 33.54 -18.73
CA GLY D 13 -34.90 34.43 -19.12
C GLY D 13 -34.60 35.89 -18.87
N GLY D 14 -33.46 36.16 -18.22
CA GLY D 14 -33.11 37.52 -17.82
C GLY D 14 -32.46 38.33 -18.93
N SER D 15 -32.27 39.61 -18.66
CA SER D 15 -31.64 40.57 -19.58
C SER D 15 -30.32 41.11 -18.99
N LEU D 16 -29.44 41.59 -19.84
CA LEU D 16 -28.16 42.15 -19.42
C LEU D 16 -27.60 43.01 -20.55
N ARG D 17 -26.93 44.12 -20.20
CA ARG D 17 -26.37 45.01 -21.21
C ARG D 17 -24.87 45.17 -21.05
N LEU D 18 -24.12 44.66 -22.01
CA LEU D 18 -22.69 44.82 -22.00
C LEU D 18 -22.32 46.13 -22.69
N SER D 19 -21.23 46.74 -22.25
CA SER D 19 -20.73 47.99 -22.82
C SER D 19 -19.26 47.79 -23.15
N CYS D 20 -18.79 48.39 -24.24
CA CYS D 20 -17.39 48.31 -24.60
C CYS D 20 -16.88 49.72 -24.92
N ALA D 21 -15.84 50.15 -24.23
CA ALA D 21 -15.29 51.52 -24.39
C ALA D 21 -14.06 51.49 -25.27
N ALA D 22 -14.09 52.22 -26.39
CA ALA D 22 -13.00 52.22 -27.35
C ALA D 22 -12.15 53.48 -27.28
N SER D 23 -10.86 53.34 -27.48
CA SER D 23 -9.98 54.49 -27.54
C SER D 23 -8.79 54.19 -28.44
N GLY D 24 -8.12 55.24 -28.90
CA GLY D 24 -6.90 55.08 -29.69
C GLY D 24 -7.09 54.82 -31.18
N PHE D 25 -8.33 54.93 -31.66
CA PHE D 25 -8.57 54.86 -33.09
C PHE D 25 -9.89 55.52 -33.49
N THR D 26 -10.05 55.74 -34.79
CA THR D 26 -11.25 56.38 -35.28
C THR D 26 -12.40 55.36 -35.25
N PHE D 27 -13.14 55.39 -34.15
CA PHE D 27 -14.22 54.44 -33.84
C PHE D 27 -15.34 54.50 -34.88
N SER D 28 -15.78 55.72 -35.17
CA SER D 28 -16.77 56.01 -36.23
C SER D 28 -16.55 55.17 -37.50
N ASP D 29 -15.29 54.96 -37.86
CA ASP D 29 -14.92 54.31 -39.12
C ASP D 29 -14.70 52.82 -39.03
N GLU D 30 -14.95 52.20 -37.87
CA GLU D 30 -14.57 50.80 -37.66
C GLU D 30 -15.75 49.86 -37.43
N ASP D 31 -15.82 48.80 -38.23
CA ASP D 31 -16.80 47.75 -38.04
C ASP D 31 -16.42 46.94 -36.81
N MET D 32 -17.32 46.86 -35.84
CA MET D 32 -17.04 46.20 -34.55
C MET D 32 -17.87 44.93 -34.37
N SER D 33 -17.30 43.96 -33.64
CA SER D 33 -17.97 42.70 -33.34
C SER D 33 -17.93 42.43 -31.85
N TRP D 34 -18.88 41.61 -31.41
CA TRP D 34 -18.81 40.93 -30.12
C TRP D 34 -18.53 39.50 -30.42
N VAL D 35 -17.67 38.89 -29.61
CA VAL D 35 -17.37 37.47 -29.70
C VAL D 35 -17.37 36.91 -28.30
N ARG D 36 -17.48 35.61 -28.15
CA ARG D 36 -17.53 35.06 -26.81
C ARG D 36 -16.89 33.68 -26.73
N GLN D 37 -16.49 33.34 -25.51
CA GLN D 37 -15.84 32.08 -25.24
C GLN D 37 -16.57 31.39 -24.10
N ALA D 38 -17.35 30.37 -24.46
CA ALA D 38 -17.99 29.52 -23.48
C ALA D 38 -16.94 28.67 -22.79
N PRO D 39 -17.22 28.24 -21.56
CA PRO D 39 -16.21 27.49 -20.79
C PRO D 39 -15.78 26.21 -21.52
N GLY D 40 -14.48 26.06 -21.70
CA GLY D 40 -13.94 24.91 -22.41
C GLY D 40 -13.99 25.01 -23.92
N LYS D 41 -14.96 25.75 -24.46
CA LYS D 41 -15.10 25.93 -25.90
C LYS D 41 -14.10 27.00 -26.41
N GLY D 42 -14.12 27.26 -27.72
CA GLY D 42 -13.30 28.29 -28.35
C GLY D 42 -14.04 29.59 -28.51
N LEU D 43 -13.54 30.46 -29.37
CA LEU D 43 -14.15 31.76 -29.62
C LEU D 43 -15.26 31.63 -30.65
N GLU D 44 -16.42 32.18 -30.32
CA GLU D 44 -17.61 32.12 -31.14
C GLU D 44 -18.09 33.53 -31.41
N TRP D 45 -18.27 33.88 -32.67
CA TRP D 45 -18.71 35.21 -33.07
C TRP D 45 -20.18 35.37 -32.81
N VAL D 46 -20.56 36.47 -32.17
CA VAL D 46 -21.94 36.62 -31.72
C VAL D 46 -22.68 37.65 -32.57
N SER D 47 -22.08 38.82 -32.75
CA SER D 47 -22.75 39.89 -33.47
C SER D 47 -21.77 40.91 -34.04
N ALA D 48 -22.23 41.71 -35.01
CA ALA D 48 -21.37 42.74 -35.61
C ALA D 48 -22.17 43.95 -36.05
N ILE D 49 -21.50 45.08 -36.14
CA ILE D 49 -22.19 46.32 -36.53
C ILE D 49 -21.25 47.20 -37.34
N SER D 50 -21.79 47.86 -38.35
CA SER D 50 -21.01 48.72 -39.24
C SER D 50 -20.62 49.98 -38.49
N GLY D 51 -19.63 50.68 -39.01
CA GLY D 51 -19.19 51.94 -38.42
C GLY D 51 -20.34 52.91 -38.18
N SER D 52 -21.13 53.15 -39.22
CA SER D 52 -22.28 54.06 -39.13
C SER D 52 -23.33 53.57 -38.15
N GLY D 53 -23.43 52.24 -38.00
CA GLY D 53 -24.51 51.61 -37.23
C GLY D 53 -25.66 51.21 -38.13
N GLY D 54 -25.52 51.45 -39.42
CA GLY D 54 -26.59 51.18 -40.38
C GLY D 54 -26.82 49.72 -40.72
N SER D 55 -25.81 48.89 -40.52
CA SER D 55 -25.91 47.47 -40.78
C SER D 55 -25.54 46.69 -39.54
N THR D 56 -26.37 45.72 -39.17
CA THR D 56 -26.10 44.85 -38.04
C THR D 56 -26.19 43.40 -38.48
N TYR D 57 -25.53 42.53 -37.72
CA TYR D 57 -25.38 41.12 -38.08
C TYR D 57 -25.36 40.29 -36.80
N TYR D 58 -26.04 39.14 -36.83
CA TYR D 58 -26.14 38.26 -35.67
C TYR D 58 -25.86 36.79 -36.04
N ALA D 59 -25.31 36.04 -35.10
CA ALA D 59 -25.21 34.59 -35.27
C ALA D 59 -26.60 34.01 -35.07
N ASP D 60 -26.86 32.89 -35.72
CA ASP D 60 -28.18 32.26 -35.64
C ASP D 60 -28.63 32.05 -34.19
N SER D 61 -27.70 31.66 -33.32
CA SER D 61 -27.98 31.35 -31.94
C SER D 61 -28.54 32.51 -31.14
N VAL D 62 -28.19 33.72 -31.52
CA VAL D 62 -28.61 34.90 -30.78
C VAL D 62 -29.62 35.79 -31.55
N LYS D 63 -29.82 35.53 -32.85
CA LYS D 63 -30.72 36.33 -33.65
C LYS D 63 -32.09 36.41 -32.97
N GLY D 64 -32.58 37.62 -32.77
CA GLY D 64 -33.88 37.84 -32.14
C GLY D 64 -33.84 38.00 -30.63
N ARG D 65 -32.72 37.71 -29.99
CA ARG D 65 -32.59 37.85 -28.55
C ARG D 65 -31.63 38.97 -28.18
N PHE D 66 -30.57 39.12 -28.97
CA PHE D 66 -29.54 40.13 -28.72
C PHE D 66 -29.70 41.27 -29.69
N THR D 67 -29.30 42.47 -29.26
CA THR D 67 -29.29 43.64 -30.14
C THR D 67 -27.95 44.35 -29.95
N ILE D 68 -27.23 44.54 -31.06
CA ILE D 68 -25.96 45.24 -31.03
C ILE D 68 -26.26 46.67 -31.39
N SER D 69 -25.54 47.59 -30.77
CA SER D 69 -25.68 49.02 -31.08
C SER D 69 -24.42 49.79 -30.70
N ARG D 70 -24.33 51.04 -31.14
CA ARG D 70 -23.18 51.86 -30.81
C ARG D 70 -23.54 53.33 -30.68
N ASP D 71 -22.68 54.05 -29.96
CA ASP D 71 -22.81 55.48 -29.80
C ASP D 71 -21.44 56.05 -30.12
N ASN D 72 -21.31 56.57 -31.34
CA ASN D 72 -20.03 57.05 -31.81
C ASN D 72 -19.60 58.35 -31.12
N SER D 73 -20.56 59.14 -30.66
CA SER D 73 -20.28 60.33 -29.86
C SER D 73 -19.53 59.95 -28.59
N LYS D 74 -19.91 58.83 -27.98
CA LYS D 74 -19.31 58.35 -26.73
C LYS D 74 -18.29 57.20 -26.96
N ASN D 75 -17.88 56.98 -28.21
CA ASN D 75 -16.94 55.91 -28.55
C ASN D 75 -17.23 54.61 -27.80
N THR D 76 -18.48 54.15 -27.89
CA THR D 76 -18.93 53.01 -27.11
C THR D 76 -19.77 52.04 -27.93
N LEU D 77 -19.58 50.75 -27.67
CA LEU D 77 -20.33 49.68 -28.34
C LEU D 77 -21.16 48.98 -27.27
N TYR D 78 -22.34 48.50 -27.66
CA TYR D 78 -23.26 47.88 -26.70
C TYR D 78 -23.72 46.52 -27.21
N LEU D 79 -24.03 45.62 -26.28
CA LEU D 79 -24.77 44.39 -26.59
C LEU D 79 -25.89 44.23 -25.57
N GLN D 80 -27.12 44.35 -26.05
CA GLN D 80 -28.29 44.12 -25.22
C GLN D 80 -28.64 42.64 -25.34
N MET D 81 -28.56 41.90 -24.24
CA MET D 81 -28.83 40.48 -24.27
C MET D 81 -30.13 40.25 -23.55
N ASN D 82 -31.09 39.63 -24.24
CA ASN D 82 -32.38 39.28 -23.64
C ASN D 82 -32.67 37.79 -23.73
N SER D 83 -33.70 37.33 -23.03
CA SER D 83 -34.07 35.92 -23.01
C SER D 83 -32.83 35.02 -22.91
N LEU D 84 -31.99 35.31 -21.92
CA LEU D 84 -30.72 34.61 -21.75
C LEU D 84 -30.92 33.13 -21.38
N ARG D 85 -30.01 32.27 -21.87
CA ARG D 85 -30.07 30.83 -21.62
C ARG D 85 -28.68 30.34 -21.16
N ALA D 86 -28.61 29.11 -20.66
CA ALA D 86 -27.35 28.49 -20.22
C ALA D 86 -26.22 28.60 -21.27
N GLU D 87 -26.53 28.30 -22.54
CA GLU D 87 -25.60 28.45 -23.65
C GLU D 87 -24.92 29.83 -23.68
N ASP D 88 -25.58 30.86 -23.15
CA ASP D 88 -25.03 32.22 -23.21
C ASP D 88 -23.92 32.48 -22.20
N THR D 89 -23.74 31.56 -21.24
CA THR D 89 -22.65 31.67 -20.29
C THR D 89 -21.33 31.65 -21.05
N ALA D 90 -20.54 32.71 -20.88
CA ALA D 90 -19.24 32.83 -21.55
C ALA D 90 -18.54 34.09 -21.11
N VAL D 91 -17.27 34.22 -21.49
CA VAL D 91 -16.59 35.50 -21.40
C VAL D 91 -16.81 36.22 -22.72
N TYR D 92 -17.33 37.45 -22.66
CA TYR D 92 -17.64 38.24 -23.86
C TYR D 92 -16.56 39.28 -24.12
N TYR D 93 -16.16 39.42 -25.37
CA TYR D 93 -15.13 40.39 -25.79
C TYR D 93 -15.68 41.23 -26.92
N CYS D 94 -15.35 42.53 -26.94
CA CYS D 94 -15.58 43.34 -28.16
C CYS D 94 -14.28 43.37 -28.94
N ALA D 95 -14.40 43.50 -30.25
CA ALA D 95 -13.24 43.43 -31.12
C ALA D 95 -13.53 44.15 -32.43
N LYS D 96 -12.48 44.64 -33.07
CA LYS D 96 -12.57 45.15 -34.42
C LYS D 96 -12.82 43.96 -35.37
N SER D 97 -13.88 44.06 -36.17
CA SER D 97 -14.29 42.95 -37.04
C SER D 97 -13.22 42.56 -38.04
N TYR D 98 -12.53 43.55 -38.60
CA TYR D 98 -11.55 43.28 -39.66
C TYR D 98 -10.16 43.76 -39.25
N GLY D 99 -9.97 43.97 -37.95
CA GLY D 99 -8.70 44.46 -37.40
C GLY D 99 -7.56 43.46 -37.47
N ALA D 100 -7.89 42.18 -37.66
CA ALA D 100 -6.94 41.15 -37.37
C ALA D 100 -6.55 40.06 -38.34
N PHE D 101 -7.44 39.16 -38.77
CA PHE D 101 -8.01 39.00 -40.09
C PHE D 101 -9.35 39.43 -40.66
N ASP D 102 -9.50 39.09 -41.95
CA ASP D 102 -10.78 39.03 -42.67
C ASP D 102 -11.23 37.58 -42.80
N TYR D 103 -12.04 37.13 -41.84
CA TYR D 103 -12.44 35.73 -41.79
C TYR D 103 -13.15 35.30 -43.06
N TRP D 104 -14.04 36.14 -43.56
CA TRP D 104 -14.83 35.75 -44.72
C TRP D 104 -14.00 35.57 -45.93
N GLY D 105 -12.91 36.32 -46.06
CA GLY D 105 -12.01 36.23 -47.23
C GLY D 105 -10.79 35.32 -47.05
N GLN D 106 -10.71 34.65 -45.92
CA GLN D 106 -9.53 33.90 -45.58
C GLN D 106 -9.90 32.49 -45.26
N GLY D 107 -8.88 31.65 -45.12
CA GLY D 107 -9.03 30.26 -44.66
C GLY D 107 -8.40 29.30 -45.65
N THR D 108 -7.56 28.38 -45.16
CA THR D 108 -7.06 27.23 -45.95
C THR D 108 -7.41 25.96 -45.18
N LEU D 109 -7.96 24.97 -45.86
CA LEU D 109 -8.55 23.78 -45.22
C LEU D 109 -7.57 22.62 -45.14
N VAL D 110 -7.31 22.17 -43.92
CA VAL D 110 -6.56 20.96 -43.69
C VAL D 110 -7.52 19.82 -43.31
N THR D 111 -7.29 18.65 -43.90
CA THR D 111 -8.12 17.47 -43.68
C THR D 111 -7.26 16.22 -43.42
N VAL D 112 -7.32 15.69 -42.19
CA VAL D 112 -6.64 14.44 -41.85
C VAL D 112 -7.64 13.29 -41.84
N SER D 113 -7.42 12.25 -42.65
CA SER D 113 -8.33 11.07 -42.64
C SER D 113 -7.61 9.77 -42.92
N GLN E 1 27.79 6.02 -0.32
CA GLN E 1 27.51 5.57 -1.74
C GLN E 1 27.20 4.06 -1.91
N LEU E 2 26.01 3.77 -2.44
CA LEU E 2 25.59 2.41 -2.79
C LEU E 2 24.95 2.44 -4.19
N LEU E 3 25.33 1.52 -5.06
CA LEU E 3 24.79 1.50 -6.43
C LEU E 3 24.22 0.12 -6.76
N GLU E 4 22.90 0.05 -6.89
CA GLU E 4 22.22 -1.21 -7.26
C GLU E 4 22.28 -1.45 -8.76
N SER E 5 22.23 -2.71 -9.14
CA SER E 5 22.18 -3.11 -10.56
C SER E 5 21.55 -4.49 -10.67
N GLY E 6 21.13 -4.86 -11.87
CA GLY E 6 20.59 -6.20 -12.12
C GLY E 6 19.11 -6.23 -12.46
N GLY E 7 18.39 -5.15 -12.17
CA GLY E 7 16.95 -5.12 -12.39
C GLY E 7 16.57 -5.41 -13.84
N GLY E 8 15.33 -5.81 -14.08
CA GLY E 8 14.86 -6.11 -15.44
C GLY E 8 13.46 -6.67 -15.47
N LEU E 9 13.04 -7.12 -16.67
CA LEU E 9 11.74 -7.79 -16.87
C LEU E 9 11.98 -9.28 -16.78
N VAL E 10 11.19 -9.97 -15.96
CA VAL E 10 11.28 -11.42 -15.83
C VAL E 10 9.88 -12.04 -15.90
N GLN E 11 9.77 -13.23 -16.47
CA GLN E 11 8.49 -13.94 -16.49
C GLN E 11 8.22 -14.49 -15.08
N PRO E 12 6.94 -14.70 -14.71
CA PRO E 12 6.66 -15.31 -13.41
C PRO E 12 7.25 -16.72 -13.33
N GLY E 13 7.78 -17.08 -12.16
CA GLY E 13 8.53 -18.30 -12.00
C GLY E 13 10.02 -18.15 -12.31
N GLY E 14 10.41 -16.97 -12.80
CA GLY E 14 11.80 -16.73 -13.23
C GLY E 14 12.73 -16.36 -12.09
N SER E 15 14.02 -16.31 -12.43
CA SER E 15 15.08 -15.94 -11.48
C SER E 15 15.74 -14.60 -11.90
N LEU E 16 16.37 -13.93 -10.95
CA LEU E 16 17.09 -12.66 -11.21
C LEU E 16 18.07 -12.39 -10.06
N ARG E 17 19.21 -11.80 -10.37
CA ARG E 17 20.22 -11.54 -9.35
C ARG E 17 20.57 -10.05 -9.32
N LEU E 18 20.19 -9.40 -8.22
CA LEU E 18 20.52 -8.00 -7.98
C LEU E 18 21.89 -7.91 -7.32
N SER E 19 22.63 -6.86 -7.66
CA SER E 19 23.95 -6.61 -7.10
C SER E 19 23.98 -5.19 -6.56
N CYS E 20 24.68 -4.99 -5.45
CA CYS E 20 24.80 -3.66 -4.86
C CYS E 20 26.27 -3.40 -4.55
N ALA E 21 26.82 -2.33 -5.12
CA ALA E 21 28.25 -1.99 -4.97
C ALA E 21 28.43 -0.88 -3.93
N ALA E 22 29.18 -1.19 -2.87
CA ALA E 22 29.36 -0.25 -1.75
C ALA E 22 30.73 0.40 -1.81
N SER E 23 30.77 1.67 -1.40
CA SER E 23 32.03 2.39 -1.27
C SER E 23 31.91 3.47 -0.18
N GLY E 24 33.06 3.92 0.32
CA GLY E 24 33.11 5.01 1.29
C GLY E 24 32.91 4.62 2.76
N PHE E 25 32.87 3.32 3.05
CA PHE E 25 32.82 2.86 4.44
C PHE E 25 33.31 1.43 4.58
N THR E 26 33.55 1.02 5.83
CA THR E 26 34.05 -0.33 6.09
C THR E 26 32.88 -1.31 5.94
N PHE E 27 32.75 -1.85 4.73
CA PHE E 27 31.66 -2.74 4.34
C PHE E 27 31.65 -4.01 5.19
N SER E 28 32.82 -4.63 5.36
CA SER E 28 33.03 -5.80 6.22
C SER E 28 32.29 -5.71 7.56
N ASP E 29 32.27 -4.51 8.14
CA ASP E 29 31.74 -4.30 9.48
C ASP E 29 30.27 -3.88 9.52
N GLU E 30 29.58 -3.85 8.38
CA GLU E 30 28.22 -3.28 8.32
C GLU E 30 27.13 -4.32 7.98
N ASP E 31 26.10 -4.37 8.81
CA ASP E 31 24.92 -5.17 8.54
C ASP E 31 24.14 -4.50 7.42
N MET E 32 23.89 -5.23 6.33
CA MET E 32 23.21 -4.66 5.14
C MET E 32 21.80 -5.27 4.93
N SER E 33 20.91 -4.48 4.34
CA SER E 33 19.56 -4.93 4.04
C SER E 33 19.24 -4.68 2.59
N TRP E 34 18.29 -5.44 2.07
CA TRP E 34 17.58 -5.06 0.85
C TRP E 34 16.22 -4.64 1.27
N VAL E 35 15.71 -3.57 0.64
CA VAL E 35 14.33 -3.12 0.86
C VAL E 35 13.74 -2.83 -0.50
N ARG E 36 12.41 -2.77 -0.58
CA ARG E 36 11.77 -2.56 -1.87
C ARG E 36 10.50 -1.74 -1.77
N GLN E 37 10.16 -1.12 -2.90
CA GLN E 37 8.98 -0.30 -2.98
C GLN E 37 8.14 -0.74 -4.16
N ALA E 38 7.06 -1.47 -3.87
CA ALA E 38 6.09 -1.82 -4.90
C ALA E 38 5.37 -0.54 -5.37
N PRO E 39 4.86 -0.55 -6.62
CA PRO E 39 4.24 0.64 -7.16
C PRO E 39 3.07 1.10 -6.33
N GLY E 40 3.10 2.37 -5.89
CA GLY E 40 2.05 2.94 -5.05
C GLY E 40 2.19 2.65 -3.56
N LYS E 41 2.79 1.50 -3.21
CA LYS E 41 3.01 1.09 -1.83
C LYS E 41 4.22 1.85 -1.22
N GLY E 42 4.51 1.58 0.05
CA GLY E 42 5.69 2.16 0.71
C GLY E 42 6.92 1.26 0.65
N LEU E 43 7.88 1.53 1.53
CA LEU E 43 9.09 0.74 1.62
C LEU E 43 8.87 -0.48 2.49
N GLU E 44 9.24 -1.64 1.96
CA GLU E 44 9.05 -2.94 2.61
C GLU E 44 10.42 -3.59 2.69
N TRP E 45 10.76 -4.04 3.88
CA TRP E 45 12.04 -4.69 4.10
C TRP E 45 11.95 -6.11 3.58
N VAL E 46 12.99 -6.53 2.85
CA VAL E 46 12.97 -7.82 2.17
C VAL E 46 13.89 -8.81 2.84
N SER E 47 15.15 -8.42 3.06
CA SER E 47 16.15 -9.34 3.64
C SER E 47 17.29 -8.56 4.26
N ALA E 48 18.06 -9.25 5.10
CA ALA E 48 19.22 -8.64 5.77
C ALA E 48 20.34 -9.66 6.01
N ILE E 49 21.56 -9.17 6.13
CA ILE E 49 22.72 -10.03 6.32
C ILE E 49 23.73 -9.35 7.22
N SER E 50 24.35 -10.12 8.10
CA SER E 50 25.37 -9.59 9.01
C SER E 50 26.65 -9.23 8.24
N GLY E 51 27.50 -8.42 8.87
CA GLY E 51 28.79 -8.05 8.27
C GLY E 51 29.58 -9.26 7.81
N SER E 52 29.77 -10.22 8.71
CA SER E 52 30.50 -11.47 8.40
C SER E 52 29.83 -12.31 7.31
N GLY E 53 28.50 -12.20 7.21
CA GLY E 53 27.72 -13.07 6.33
C GLY E 53 27.19 -14.30 7.06
N GLY E 54 27.50 -14.39 8.36
CA GLY E 54 27.15 -15.56 9.17
C GLY E 54 25.69 -15.65 9.55
N SER E 55 24.99 -14.52 9.56
CA SER E 55 23.57 -14.50 9.89
C SER E 55 22.79 -13.84 8.75
N THR E 56 21.70 -14.47 8.34
CA THR E 56 20.82 -13.92 7.32
C THR E 56 19.39 -13.90 7.84
N TYR E 57 18.59 -13.01 7.25
CA TYR E 57 17.20 -12.76 7.68
C TYR E 57 16.33 -12.46 6.47
N TYR E 58 15.12 -13.01 6.47
CA TYR E 58 14.20 -12.82 5.35
C TYR E 58 12.81 -12.46 5.83
N ALA E 59 12.12 -11.62 5.07
CA ALA E 59 10.69 -11.37 5.30
C ALA E 59 9.91 -12.63 4.95
N ASP E 60 8.79 -12.84 5.64
CA ASP E 60 7.96 -14.04 5.40
C ASP E 60 7.63 -14.23 3.90
N SER E 61 7.32 -13.13 3.22
CA SER E 61 6.90 -13.17 1.82
C SER E 61 7.97 -13.77 0.91
N VAL E 62 9.24 -13.60 1.28
CA VAL E 62 10.34 -14.03 0.43
C VAL E 62 11.14 -15.21 0.97
N LYS E 63 10.89 -15.60 2.22
CA LYS E 63 11.63 -16.69 2.82
C LYS E 63 11.50 -17.91 1.92
N GLY E 64 12.64 -18.51 1.58
CA GLY E 64 12.67 -19.72 0.76
C GLY E 64 12.77 -19.48 -0.73
N ARG E 65 12.58 -18.24 -1.17
CA ARG E 65 12.66 -17.89 -2.59
C ARG E 65 13.86 -17.02 -2.89
N PHE E 66 14.20 -16.15 -1.96
CA PHE E 66 15.32 -15.23 -2.11
C PHE E 66 16.49 -15.70 -1.26
N THR E 67 17.70 -15.36 -1.68
CA THR E 67 18.90 -15.64 -0.91
C THR E 67 19.75 -14.42 -0.91
N ILE E 68 20.05 -13.89 0.28
CA ILE E 68 20.91 -12.71 0.41
C ILE E 68 22.32 -13.24 0.62
N SER E 69 23.32 -12.55 0.05
CA SER E 69 24.73 -12.91 0.25
C SER E 69 25.61 -11.69 0.03
N ARG E 70 26.89 -11.84 0.37
CA ARG E 70 27.85 -10.76 0.16
C ARG E 70 29.25 -11.28 -0.14
N ASP E 71 30.05 -10.43 -0.76
CA ASP E 71 31.45 -10.72 -1.01
C ASP E 71 32.21 -9.50 -0.51
N ASN E 72 32.78 -9.62 0.68
CA ASN E 72 33.44 -8.48 1.31
C ASN E 72 34.73 -8.10 0.61
N SER E 73 35.38 -9.08 -0.03
CA SER E 73 36.56 -8.80 -0.86
C SER E 73 36.22 -7.80 -1.99
N LYS E 74 35.04 -7.96 -2.59
CA LYS E 74 34.60 -7.10 -3.69
C LYS E 74 33.64 -5.96 -3.24
N ASN E 75 33.49 -5.76 -1.94
CA ASN E 75 32.57 -4.76 -1.37
C ASN E 75 31.19 -4.77 -2.06
N THR E 76 30.57 -5.95 -2.12
CA THR E 76 29.35 -6.14 -2.89
C THR E 76 28.31 -6.98 -2.15
N LEU E 77 27.05 -6.58 -2.30
CA LEU E 77 25.92 -7.28 -1.72
C LEU E 77 25.06 -7.87 -2.86
N TYR E 78 24.47 -9.02 -2.61
CA TYR E 78 23.70 -9.72 -3.64
C TYR E 78 22.35 -10.14 -3.14
N LEU E 79 21.37 -10.17 -4.03
CA LEU E 79 20.07 -10.79 -3.74
C LEU E 79 19.71 -11.68 -4.91
N GLN E 80 19.71 -12.99 -4.66
CA GLN E 80 19.26 -13.96 -5.66
C GLN E 80 17.77 -14.12 -5.46
N MET E 81 16.99 -13.79 -6.48
CA MET E 81 15.56 -13.88 -6.43
C MET E 81 15.10 -15.03 -7.32
N ASN E 82 14.41 -16.00 -6.74
CA ASN E 82 13.87 -17.13 -7.51
C ASN E 82 12.37 -17.23 -7.35
N SER E 83 11.75 -18.08 -8.16
CA SER E 83 10.30 -18.31 -8.13
C SER E 83 9.56 -16.96 -8.02
N LEU E 84 9.90 -16.02 -8.89
CA LEU E 84 9.37 -14.67 -8.81
C LEU E 84 7.87 -14.65 -9.08
N ARG E 85 7.17 -13.73 -8.42
CA ARG E 85 5.71 -13.54 -8.59
C ARG E 85 5.38 -12.04 -8.78
N ALA E 86 4.14 -11.76 -9.17
CA ALA E 86 3.68 -10.37 -9.38
C ALA E 86 4.00 -9.46 -8.18
N GLU E 87 3.71 -9.93 -6.98
CA GLU E 87 4.06 -9.21 -5.73
C GLU E 87 5.52 -8.71 -5.67
N ASP E 88 6.43 -9.37 -6.39
CA ASP E 88 7.83 -9.00 -6.34
C ASP E 88 8.19 -7.81 -7.21
N THR E 89 7.26 -7.35 -8.05
CA THR E 89 7.48 -6.14 -8.86
C THR E 89 7.66 -4.97 -7.92
N ALA E 90 8.80 -4.31 -8.02
CA ALA E 90 9.13 -3.18 -7.15
C ALA E 90 10.47 -2.62 -7.55
N VAL E 91 10.77 -1.42 -7.02
CA VAL E 91 12.12 -0.86 -7.10
C VAL E 91 12.88 -1.35 -5.87
N TYR E 92 14.02 -2.00 -6.10
CA TYR E 92 14.79 -2.59 -5.00
C TYR E 92 15.96 -1.69 -4.66
N TYR E 93 16.21 -1.51 -3.36
CA TYR E 93 17.31 -0.69 -2.84
C TYR E 93 18.12 -1.50 -1.85
N CYS E 94 19.44 -1.38 -1.86
CA CYS E 94 20.25 -1.90 -0.75
C CYS E 94 20.49 -0.76 0.20
N ALA E 95 20.66 -1.08 1.48
CA ALA E 95 20.78 -0.07 2.53
C ALA E 95 21.50 -0.62 3.74
N LYS E 96 22.17 0.25 4.47
CA LYS E 96 22.73 -0.13 5.75
C LYS E 96 21.56 -0.37 6.68
N SER E 97 21.56 -1.54 7.33
CA SER E 97 20.45 -1.94 8.20
C SER E 97 20.23 -1.00 9.39
N TYR E 98 21.33 -0.51 9.98
CA TYR E 98 21.21 0.30 11.20
C TYR E 98 21.80 1.71 11.09
N GLY E 99 21.85 2.28 9.90
CA GLY E 99 22.27 3.69 9.78
C GLY E 99 21.20 4.77 10.05
N ALA E 100 19.92 4.38 9.97
CA ALA E 100 18.79 5.33 9.93
C ALA E 100 18.64 6.17 11.21
N PHE E 101 18.29 5.66 12.39
CA PHE E 101 17.03 5.00 12.82
C PHE E 101 17.00 3.50 13.22
N ASP E 102 16.54 3.31 14.46
CA ASP E 102 16.29 2.00 15.07
C ASP E 102 14.77 1.68 15.09
N TYR E 103 14.34 0.94 14.09
CA TYR E 103 12.92 0.64 13.89
C TYR E 103 12.19 0.02 15.10
N TRP E 104 12.95 -0.61 15.99
CA TRP E 104 12.36 -1.35 17.09
C TRP E 104 12.17 -0.51 18.29
N GLY E 105 13.21 0.26 18.62
CA GLY E 105 13.19 1.08 19.82
C GLY E 105 12.52 2.42 19.63
N GLN E 106 12.13 2.72 18.40
CA GLN E 106 11.58 4.02 18.06
C GLN E 106 10.10 3.91 17.72
N GLY E 107 9.47 5.06 17.53
CA GLY E 107 8.11 5.12 17.03
C GLY E 107 7.13 5.70 18.04
N THR E 108 6.32 6.69 17.58
CA THR E 108 5.19 7.26 18.29
C THR E 108 3.94 7.04 17.44
N LEU E 109 2.88 6.46 18.02
CA LEU E 109 1.64 6.18 17.29
C LEU E 109 0.74 7.41 17.25
N VAL E 110 0.34 7.78 16.02
CA VAL E 110 -0.74 8.76 15.78
C VAL E 110 -2.01 8.06 15.24
N THR E 111 -3.16 8.48 15.80
CA THR E 111 -4.47 7.85 15.63
C THR E 111 -5.54 8.93 15.37
N VAL E 112 -6.33 8.77 14.29
CA VAL E 112 -7.35 9.78 13.94
C VAL E 112 -8.77 9.15 13.87
N SER E 113 -9.61 9.41 14.87
CA SER E 113 -10.99 8.88 14.94
C SER E 113 -11.90 9.77 15.79
N GLN F 1 -16.42 -47.62 37.57
CA GLN F 1 -17.55 -46.69 37.98
C GLN F 1 -17.13 -45.20 38.06
N LEU F 2 -17.79 -44.36 37.26
CA LEU F 2 -17.62 -42.92 37.29
C LEU F 2 -18.99 -42.29 37.28
N LEU F 3 -19.25 -41.30 38.14
CA LEU F 3 -20.59 -40.66 38.22
C LEU F 3 -20.44 -39.15 38.09
N GLU F 4 -20.90 -38.59 36.99
CA GLU F 4 -20.87 -37.15 36.78
C GLU F 4 -22.04 -36.45 37.51
N SER F 5 -21.81 -35.19 37.87
CA SER F 5 -22.86 -34.35 38.44
C SER F 5 -22.54 -32.87 38.23
N GLY F 6 -23.53 -32.01 38.40
CA GLY F 6 -23.34 -30.58 38.24
C GLY F 6 -23.98 -29.91 37.03
N GLY F 7 -24.47 -30.72 36.09
CA GLY F 7 -25.12 -30.17 34.89
C GLY F 7 -26.34 -29.34 35.21
N GLY F 8 -26.73 -28.49 34.26
CA GLY F 8 -27.89 -27.61 34.45
C GLY F 8 -28.07 -26.59 33.34
N LEU F 9 -29.01 -25.67 33.53
CA LEU F 9 -29.27 -24.61 32.57
C LEU F 9 -28.47 -23.41 33.02
N VAL F 10 -27.74 -22.78 32.10
CA VAL F 10 -26.96 -21.58 32.42
C VAL F 10 -27.14 -20.53 31.31
N GLN F 11 -27.16 -19.26 31.69
CA GLN F 11 -27.26 -18.18 30.70
C GLN F 11 -25.89 -18.04 30.01
N PRO F 12 -25.87 -17.56 28.75
CA PRO F 12 -24.57 -17.38 28.12
C PRO F 12 -23.72 -16.40 28.91
N GLY F 13 -22.43 -16.64 28.96
CA GLY F 13 -21.54 -15.85 29.82
C GLY F 13 -21.46 -16.38 31.24
N GLY F 14 -22.25 -17.40 31.55
CA GLY F 14 -22.33 -17.93 32.90
C GLY F 14 -21.29 -18.98 33.17
N SER F 15 -21.22 -19.38 34.44
CA SER F 15 -20.25 -20.35 34.93
C SER F 15 -20.95 -21.58 35.51
N LEU F 16 -20.23 -22.69 35.59
CA LEU F 16 -20.77 -23.96 36.08
C LEU F 16 -19.60 -24.86 36.44
N ARG F 17 -19.79 -25.72 37.45
CA ARG F 17 -18.76 -26.66 37.85
C ARG F 17 -19.25 -28.10 37.88
N LEU F 18 -18.72 -28.90 36.96
CA LEU F 18 -19.04 -30.31 36.90
C LEU F 18 -18.11 -31.04 37.85
N SER F 19 -18.60 -32.15 38.38
CA SER F 19 -17.88 -33.04 39.29
C SER F 19 -18.00 -34.47 38.80
N CYS F 20 -16.96 -35.24 38.97
CA CYS F 20 -17.00 -36.65 38.60
C CYS F 20 -16.43 -37.45 39.74
N ALA F 21 -17.20 -38.42 40.23
CA ALA F 21 -16.81 -39.23 41.40
C ALA F 21 -16.35 -40.62 40.94
N ALA F 22 -15.09 -40.94 41.23
CA ALA F 22 -14.49 -42.20 40.74
C ALA F 22 -14.40 -43.23 41.85
N SER F 23 -14.60 -44.49 41.49
CA SER F 23 -14.42 -45.60 42.43
C SER F 23 -13.99 -46.86 41.67
N GLY F 24 -13.44 -47.81 42.41
CA GLY F 24 -13.08 -49.10 41.82
C GLY F 24 -11.75 -49.13 41.10
N PHE F 25 -10.94 -48.09 41.22
CA PHE F 25 -9.57 -48.15 40.72
C PHE F 25 -8.69 -47.11 41.39
N THR F 26 -7.38 -47.24 41.18
CA THR F 26 -6.43 -46.32 41.77
C THR F 26 -6.45 -45.02 40.95
N PHE F 27 -7.27 -44.09 41.45
CA PHE F 27 -7.55 -42.80 40.83
C PHE F 27 -6.27 -41.97 40.72
N SER F 28 -5.55 -41.86 41.82
CA SER F 28 -4.24 -41.16 41.88
C SER F 28 -3.37 -41.45 40.65
N ASP F 29 -3.39 -42.70 40.17
CA ASP F 29 -2.48 -43.16 39.12
C ASP F 29 -3.07 -43.07 37.70
N GLU F 30 -4.24 -42.44 37.53
CA GLU F 30 -4.95 -42.47 36.25
C GLU F 30 -5.15 -41.09 35.61
N ASP F 31 -4.71 -40.96 34.36
CA ASP F 31 -4.94 -39.78 33.56
C ASP F 31 -6.42 -39.74 33.17
N MET F 32 -7.09 -38.65 33.50
CA MET F 32 -8.52 -38.53 33.27
C MET F 32 -8.82 -37.44 32.23
N SER F 33 -9.93 -37.60 31.53
CA SER F 33 -10.39 -36.64 30.54
C SER F 33 -11.85 -36.28 30.81
N TRP F 34 -12.24 -35.11 30.33
CA TRP F 34 -13.64 -34.81 30.10
C TRP F 34 -13.87 -34.85 28.62
N VAL F 35 -15.00 -35.41 28.22
CA VAL F 35 -15.42 -35.41 26.81
C VAL F 35 -16.89 -35.04 26.75
N ARG F 36 -17.35 -34.59 25.58
CA ARG F 36 -18.72 -34.16 25.50
C ARG F 36 -19.35 -34.47 24.19
N GLN F 37 -20.67 -34.54 24.21
CA GLN F 37 -21.45 -34.82 23.02
C GLN F 37 -22.52 -33.75 22.83
N ALA F 38 -22.28 -32.85 21.87
CA ALA F 38 -23.27 -31.85 21.49
C ALA F 38 -24.42 -32.54 20.77
N PRO F 39 -25.62 -31.95 20.83
CA PRO F 39 -26.79 -32.64 20.28
C PRO F 39 -26.58 -32.93 18.81
N GLY F 40 -26.79 -34.18 18.41
CA GLY F 40 -26.63 -34.58 17.02
C GLY F 40 -25.19 -34.82 16.57
N LYS F 41 -24.23 -34.15 17.20
CA LYS F 41 -22.80 -34.35 16.93
C LYS F 41 -22.23 -35.61 17.64
N GLY F 42 -20.96 -35.91 17.41
CA GLY F 42 -20.28 -37.06 18.06
C GLY F 42 -19.55 -36.66 19.33
N LEU F 43 -18.66 -37.53 19.81
CA LEU F 43 -17.92 -37.26 21.05
C LEU F 43 -16.71 -36.42 20.79
N GLU F 44 -16.61 -35.34 21.52
CA GLU F 44 -15.55 -34.35 21.34
C GLU F 44 -14.78 -34.29 22.67
N TRP F 45 -13.48 -34.36 22.58
CA TRP F 45 -12.64 -34.30 23.76
C TRP F 45 -12.51 -32.86 24.21
N VAL F 46 -12.66 -32.60 25.51
CA VAL F 46 -12.69 -31.21 26.00
C VAL F 46 -11.42 -30.86 26.81
N SER F 47 -11.02 -31.74 27.73
CA SER F 47 -9.86 -31.46 28.59
C SER F 47 -9.30 -32.74 29.18
N ALA F 48 -8.07 -32.68 29.67
CA ALA F 48 -7.45 -33.86 30.29
C ALA F 48 -6.47 -33.43 31.36
N ILE F 49 -6.22 -34.32 32.32
CA ILE F 49 -5.35 -34.02 33.44
C ILE F 49 -4.55 -35.26 33.85
N SER F 50 -3.29 -35.07 34.21
CA SER F 50 -2.44 -36.18 34.63
C SER F 50 -2.86 -36.65 36.01
N GLY F 51 -2.45 -37.86 36.39
CA GLY F 51 -2.76 -38.42 37.71
C GLY F 51 -2.41 -37.47 38.85
N SER F 52 -1.17 -37.00 38.85
CA SER F 52 -0.69 -36.06 39.85
C SER F 52 -1.46 -34.75 39.82
N GLY F 53 -1.95 -34.36 38.65
CA GLY F 53 -2.56 -33.04 38.45
C GLY F 53 -1.57 -32.03 37.87
N GLY F 54 -0.33 -32.47 37.68
CA GLY F 54 0.78 -31.59 37.30
C GLY F 54 0.76 -31.17 35.86
N SER F 55 0.03 -31.90 35.02
CA SER F 55 -0.10 -31.53 33.61
C SER F 55 -1.57 -31.50 33.24
N THR F 56 -1.96 -30.43 32.57
CA THR F 56 -3.33 -30.29 32.10
C THR F 56 -3.32 -30.00 30.60
N TYR F 57 -4.45 -30.27 29.96
CA TYR F 57 -4.58 -30.15 28.51
C TYR F 57 -5.98 -29.71 28.18
N TYR F 58 -6.11 -28.82 27.19
CA TYR F 58 -7.41 -28.31 26.76
C TYR F 58 -7.58 -28.30 25.23
N ALA F 59 -8.80 -28.55 24.77
CA ALA F 59 -9.15 -28.36 23.39
C ALA F 59 -9.13 -26.88 23.05
N ASP F 60 -8.77 -26.55 21.83
CA ASP F 60 -8.68 -25.15 21.42
C ASP F 60 -9.94 -24.36 21.75
N SER F 61 -11.10 -24.97 21.54
CA SER F 61 -12.40 -24.29 21.72
C SER F 61 -12.66 -23.87 23.18
N VAL F 62 -12.05 -24.56 24.15
CA VAL F 62 -12.26 -24.26 25.55
C VAL F 62 -11.02 -23.66 26.26
N LYS F 63 -9.87 -23.68 25.61
CA LYS F 63 -8.66 -23.18 26.25
C LYS F 63 -8.90 -21.76 26.73
N GLY F 64 -8.63 -21.53 28.01
CA GLY F 64 -8.80 -20.20 28.60
C GLY F 64 -10.17 -19.95 29.23
N ARG F 65 -11.14 -20.82 28.99
CA ARG F 65 -12.46 -20.68 29.57
C ARG F 65 -12.73 -21.75 30.61
N PHE F 66 -12.23 -22.96 30.37
CA PHE F 66 -12.44 -24.10 31.26
C PHE F 66 -11.17 -24.37 32.05
N THR F 67 -11.30 -24.96 33.22
CA THR F 67 -10.18 -25.40 34.01
C THR F 67 -10.51 -26.81 34.50
N ILE F 68 -9.63 -27.74 34.22
CA ILE F 68 -9.78 -29.09 34.75
C ILE F 68 -8.94 -29.16 36.02
N SER F 69 -9.42 -29.92 37.00
CA SER F 69 -8.67 -30.15 38.26
C SER F 69 -9.11 -31.43 38.92
N ARG F 70 -8.37 -31.87 39.91
CA ARG F 70 -8.75 -33.07 40.65
C ARG F 70 -8.40 -33.01 42.12
N ASP F 71 -9.07 -33.84 42.91
CA ASP F 71 -8.74 -33.98 44.32
C ASP F 71 -8.61 -35.47 44.58
N ASN F 72 -7.38 -35.93 44.65
CA ASN F 72 -7.14 -37.35 44.76
C ASN F 72 -7.56 -37.91 46.10
N SER F 73 -7.48 -37.08 47.15
CA SER F 73 -7.97 -37.46 48.48
C SER F 73 -9.45 -37.84 48.41
N LYS F 74 -10.22 -37.11 47.62
CA LYS F 74 -11.64 -37.32 47.50
C LYS F 74 -12.03 -38.10 46.25
N ASN F 75 -11.04 -38.68 45.56
CA ASN F 75 -11.29 -39.42 44.32
C ASN F 75 -12.28 -38.71 43.41
N THR F 76 -12.01 -37.44 43.12
CA THR F 76 -12.95 -36.61 42.36
C THR F 76 -12.24 -35.76 41.33
N LEU F 77 -12.88 -35.63 40.17
CA LEU F 77 -12.40 -34.82 39.06
C LEU F 77 -13.39 -33.67 38.84
N TYR F 78 -12.87 -32.53 38.43
CA TYR F 78 -13.67 -31.32 38.29
C TYR F 78 -13.48 -30.70 36.95
N LEU F 79 -14.52 -30.06 36.43
CA LEU F 79 -14.39 -29.15 35.28
C LEU F 79 -15.09 -27.84 35.62
N GLN F 80 -14.31 -26.77 35.75
CA GLN F 80 -14.86 -25.46 35.96
C GLN F 80 -15.09 -24.90 34.56
N MET F 81 -16.32 -24.57 34.24
CA MET F 81 -16.67 -23.99 32.94
C MET F 81 -17.07 -22.53 33.09
N ASN F 82 -16.35 -21.62 32.44
CA ASN F 82 -16.66 -20.21 32.48
C ASN F 82 -16.91 -19.63 31.08
N SER F 83 -17.41 -18.40 31.04
CA SER F 83 -17.70 -17.72 29.76
C SER F 83 -18.42 -18.68 28.78
N LEU F 84 -19.46 -19.34 29.29
CA LEU F 84 -20.16 -20.37 28.51
C LEU F 84 -20.87 -19.80 27.28
N ARG F 85 -20.87 -20.58 26.20
CA ARG F 85 -21.52 -20.21 24.94
C ARG F 85 -22.37 -21.37 24.39
N ALA F 86 -23.20 -21.06 23.39
CA ALA F 86 -24.13 -22.04 22.81
C ALA F 86 -23.41 -23.34 22.43
N GLU F 87 -22.25 -23.21 21.80
CA GLU F 87 -21.41 -24.39 21.48
C GLU F 87 -21.19 -25.33 22.66
N ASP F 88 -21.23 -24.82 23.89
CA ASP F 88 -20.95 -25.65 25.06
C ASP F 88 -22.12 -26.52 25.52
N THR F 89 -23.30 -26.33 24.94
CA THR F 89 -24.43 -27.21 25.19
C THR F 89 -24.12 -28.63 24.72
N ALA F 90 -24.15 -29.58 25.65
CA ALA F 90 -23.80 -30.95 25.37
C ALA F 90 -23.97 -31.80 26.63
N VAL F 91 -23.89 -33.11 26.45
CA VAL F 91 -23.81 -34.02 27.59
C VAL F 91 -22.32 -34.23 27.87
N TYR F 92 -21.90 -34.00 29.10
CA TYR F 92 -20.51 -34.12 29.46
C TYR F 92 -20.27 -35.43 30.19
N TYR F 93 -19.17 -36.09 29.83
CA TYR F 93 -18.75 -37.36 30.48
C TYR F 93 -17.32 -37.24 30.97
N CYS F 94 -17.01 -37.78 32.15
CA CYS F 94 -15.61 -37.99 32.54
C CYS F 94 -15.22 -39.41 32.16
N ALA F 95 -13.95 -39.60 31.84
CA ALA F 95 -13.45 -40.89 31.35
C ALA F 95 -11.98 -41.02 31.64
N LYS F 96 -11.52 -42.25 31.73
CA LYS F 96 -10.09 -42.53 31.77
C LYS F 96 -9.50 -42.26 30.39
N SER F 97 -8.48 -41.42 30.35
CA SER F 97 -7.88 -40.99 29.09
C SER F 97 -7.36 -42.17 28.26
N TYR F 98 -6.70 -43.12 28.90
CA TYR F 98 -6.03 -44.18 28.15
C TYR F 98 -6.59 -45.52 28.54
N GLY F 99 -7.78 -45.49 29.14
CA GLY F 99 -8.40 -46.70 29.63
C GLY F 99 -8.91 -47.64 28.57
N ALA F 100 -8.77 -47.27 27.30
CA ALA F 100 -9.61 -47.92 26.32
C ALA F 100 -9.33 -47.73 24.85
N PHE F 101 -8.81 -46.60 24.45
CA PHE F 101 -7.51 -46.51 23.83
C PHE F 101 -6.54 -45.33 24.03
N ASP F 102 -5.48 -45.38 23.21
CA ASP F 102 -4.53 -44.28 23.01
C ASP F 102 -4.86 -43.51 21.72
N TYR F 103 -5.70 -42.50 21.84
CA TYR F 103 -6.16 -41.74 20.67
C TYR F 103 -4.99 -41.14 19.85
N TRP F 104 -4.06 -40.50 20.54
CA TRP F 104 -2.88 -39.89 19.91
C TRP F 104 -1.98 -40.87 19.17
N GLY F 105 -1.85 -42.08 19.70
CA GLY F 105 -0.88 -43.04 19.16
C GLY F 105 -1.46 -43.97 18.10
N GLN F 106 -2.77 -43.88 17.89
CA GLN F 106 -3.51 -44.82 17.08
C GLN F 106 -4.15 -44.11 15.91
N GLY F 107 -4.81 -44.88 15.05
CA GLY F 107 -5.60 -44.34 13.98
C GLY F 107 -5.05 -44.74 12.62
N THR F 108 -5.93 -45.23 11.75
CA THR F 108 -5.58 -45.55 10.38
C THR F 108 -6.54 -44.79 9.47
N LEU F 109 -6.00 -43.97 8.59
CA LEU F 109 -6.79 -43.12 7.71
C LEU F 109 -7.34 -43.92 6.55
N VAL F 110 -8.65 -43.83 6.36
CA VAL F 110 -9.35 -44.39 5.22
C VAL F 110 -9.96 -43.25 4.38
N THR F 111 -9.57 -43.16 3.11
CA THR F 111 -10.05 -42.10 2.22
C THR F 111 -10.88 -42.67 1.04
N VAL F 112 -12.05 -42.07 0.78
CA VAL F 112 -12.96 -42.52 -0.27
C VAL F 112 -13.04 -41.45 -1.38
N SER F 113 -12.39 -41.75 -2.52
CA SER F 113 -12.45 -40.91 -3.74
C SER F 113 -11.79 -41.64 -4.91
N GLN G 1 8.37 -23.91 33.57
CA GLN G 1 7.03 -23.43 34.10
C GLN G 1 6.74 -21.90 33.95
N LEU G 2 5.68 -21.59 33.21
CA LEU G 2 5.21 -20.24 32.99
C LEU G 2 3.69 -20.21 33.18
N LEU G 3 3.19 -19.27 33.98
CA LEU G 3 1.76 -19.21 34.28
C LEU G 3 1.20 -17.84 33.93
N GLU G 4 0.38 -17.77 32.88
CA GLU G 4 -0.27 -16.52 32.50
C GLU G 4 -1.49 -16.22 33.36
N SER G 5 -1.80 -14.94 33.49
CA SER G 5 -3.02 -14.50 34.20
C SER G 5 -3.38 -13.10 33.75
N GLY G 6 -4.61 -12.67 34.05
CA GLY G 6 -5.11 -11.34 33.68
C GLY G 6 -6.16 -11.27 32.60
N GLY G 7 -6.37 -12.37 31.86
CA GLY G 7 -7.33 -12.39 30.76
C GLY G 7 -8.74 -12.05 31.21
N GLY G 8 -9.59 -11.68 30.27
CA GLY G 8 -10.97 -11.37 30.58
C GLY G 8 -11.73 -10.77 29.43
N LEU G 9 -12.94 -10.26 29.70
CA LEU G 9 -13.78 -9.61 28.69
C LEU G 9 -13.56 -8.13 28.82
N VAL G 10 -13.27 -7.45 27.71
CA VAL G 10 -13.05 -5.99 27.69
C VAL G 10 -13.84 -5.35 26.55
N GLN G 11 -14.37 -4.15 26.76
CA GLN G 11 -15.06 -3.43 25.69
C GLN G 11 -13.99 -2.91 24.70
N PRO G 12 -14.36 -2.73 23.43
CA PRO G 12 -13.39 -2.14 22.52
C PRO G 12 -12.99 -0.75 22.99
N GLY G 13 -11.71 -0.43 22.81
CA GLY G 13 -11.13 0.81 23.34
C GLY G 13 -10.58 0.63 24.75
N GLY G 14 -10.83 -0.53 25.36
CA GLY G 14 -10.45 -0.75 26.73
C GLY G 14 -9.01 -1.17 26.93
N SER G 15 -8.60 -1.23 28.19
CA SER G 15 -7.26 -1.63 28.57
C SER G 15 -7.28 -2.95 29.35
N LEU G 16 -6.16 -3.65 29.38
CA LEU G 16 -6.02 -4.90 30.12
C LEU G 16 -4.54 -5.15 30.38
N ARG G 17 -4.21 -5.77 31.52
CA ARG G 17 -2.82 -6.10 31.84
C ARG G 17 -2.61 -7.58 32.14
N LEU G 18 -1.94 -8.25 31.23
CA LEU G 18 -1.61 -9.66 31.42
C LEU G 18 -0.31 -9.78 32.21
N SER G 19 -0.22 -10.84 33.00
CA SER G 19 0.96 -11.14 33.79
C SER G 19 1.39 -12.56 33.52
N CYS G 20 2.70 -12.79 33.55
CA CYS G 20 3.22 -14.13 33.36
C CYS G 20 4.27 -14.41 34.43
N ALA G 21 4.06 -15.46 35.21
CA ALA G 21 4.92 -15.80 36.35
C ALA G 21 5.87 -16.94 35.96
N ALA G 22 7.18 -16.67 36.02
CA ALA G 22 8.18 -17.64 35.57
C ALA G 22 8.86 -18.31 36.75
N SER G 23 9.19 -19.59 36.60
CA SER G 23 9.97 -20.31 37.59
C SER G 23 10.78 -21.44 36.91
N GLY G 24 11.80 -21.90 37.61
CA GLY G 24 12.62 -23.01 37.12
C GLY G 24 13.74 -22.64 36.17
N PHE G 25 14.00 -21.35 35.99
CA PHE G 25 15.16 -20.94 35.22
C PHE G 25 15.57 -19.51 35.52
N THR G 26 16.78 -19.15 35.08
CA THR G 26 17.30 -17.83 35.35
C THR G 26 16.57 -16.87 34.40
N PHE G 27 15.52 -16.27 34.94
CA PHE G 27 14.65 -15.35 34.22
C PHE G 27 15.41 -14.10 33.75
N SER G 28 16.16 -13.47 34.67
CA SER G 28 17.03 -12.33 34.38
C SER G 28 17.78 -12.47 33.04
N ASP G 29 18.21 -13.67 32.72
CA ASP G 29 19.05 -13.92 31.55
C ASP G 29 18.27 -14.34 30.30
N GLU G 30 16.94 -14.32 30.33
CA GLU G 30 16.15 -14.88 29.23
C GLU G 30 15.30 -13.85 28.48
N ASP G 31 15.45 -13.80 27.16
CA ASP G 31 14.61 -12.98 26.30
C ASP G 31 13.23 -13.64 26.20
N MET G 32 12.19 -12.89 26.56
CA MET G 32 10.82 -13.39 26.66
C MET G 32 9.90 -12.75 25.64
N SER G 33 8.93 -13.51 25.16
CA SER G 33 7.96 -13.05 24.17
C SER G 33 6.55 -13.28 24.64
N TRP G 34 5.61 -12.50 24.12
CA TRP G 34 4.20 -12.83 24.20
C TRP G 34 3.81 -13.25 22.83
N VAL G 35 2.99 -14.29 22.74
CA VAL G 35 2.42 -14.74 21.46
C VAL G 35 0.94 -14.98 21.68
N ARG G 36 0.19 -15.04 20.60
CA ARG G 36 -1.25 -15.22 20.73
C ARG G 36 -1.87 -16.03 19.62
N GLN G 37 -3.02 -16.61 19.94
CA GLN G 37 -3.75 -17.41 18.99
C GLN G 37 -5.17 -16.93 18.90
N ALA G 38 -5.48 -16.26 17.80
CA ALA G 38 -6.86 -15.88 17.52
C ALA G 38 -7.69 -17.11 17.22
N PRO G 39 -9.00 -17.05 17.50
CA PRO G 39 -9.82 -18.23 17.27
C PRO G 39 -9.76 -18.71 15.84
N GLY G 40 -9.43 -19.98 15.65
CA GLY G 40 -9.29 -20.55 14.31
C GLY G 40 -7.93 -20.31 13.68
N LYS G 41 -7.32 -19.16 13.96
CA LYS G 41 -6.01 -18.79 13.41
C LYS G 41 -4.87 -19.58 14.13
N GLY G 42 -3.62 -19.38 13.68
CA GLY G 42 -2.45 -20.00 14.29
C GLY G 42 -1.80 -19.09 15.32
N LEU G 43 -0.55 -19.39 15.67
CA LEU G 43 0.18 -18.58 16.64
C LEU G 43 0.83 -17.39 15.98
N GLU G 44 0.58 -16.21 16.55
CA GLU G 44 1.07 -14.93 16.04
C GLU G 44 1.90 -14.27 17.16
N TRP G 45 3.11 -13.85 16.80
CA TRP G 45 3.99 -13.20 17.75
C TRP G 45 3.53 -11.77 17.97
N VAL G 46 3.49 -11.35 19.23
CA VAL G 46 2.94 -10.04 19.56
C VAL G 46 4.04 -9.09 19.99
N SER G 47 4.88 -9.54 20.91
CA SER G 47 5.88 -8.65 21.49
C SER G 47 7.04 -9.43 22.12
N ALA G 48 8.17 -8.77 22.32
CA ALA G 48 9.33 -9.40 22.96
C ALA G 48 10.17 -8.39 23.74
N ILE G 49 10.90 -8.89 24.73
CA ILE G 49 11.71 -8.03 25.59
C ILE G 49 12.98 -8.74 26.01
N SER G 50 14.08 -8.00 26.05
CA SER G 50 15.39 -8.56 26.39
C SER G 50 15.43 -8.88 27.86
N GLY G 51 16.39 -9.71 28.26
CA GLY G 51 16.54 -10.08 29.67
C GLY G 51 16.61 -8.86 30.57
N SER G 52 17.48 -7.92 30.22
CA SER G 52 17.65 -6.71 31.02
C SER G 52 16.40 -5.86 31.03
N GLY G 53 15.62 -5.95 29.96
CA GLY G 53 14.48 -5.05 29.77
C GLY G 53 14.85 -3.83 28.95
N GLY G 54 16.11 -3.78 28.51
CA GLY G 54 16.62 -2.63 27.77
C GLY G 54 16.16 -2.52 26.32
N SER G 55 15.77 -3.65 25.73
CA SER G 55 15.31 -3.65 24.34
C SER G 55 13.92 -4.27 24.31
N THR G 56 13.00 -3.61 23.61
CA THR G 56 11.66 -4.14 23.43
C THR G 56 11.30 -4.17 21.95
N TYR G 57 10.33 -5.02 21.60
CA TYR G 57 9.98 -5.29 20.21
C TYR G 57 8.50 -5.59 20.12
N TYR G 58 7.85 -5.03 19.09
CA TYR G 58 6.40 -5.17 18.90
C TYR G 58 6.03 -5.51 17.47
N ALA G 59 5.00 -6.32 17.29
CA ALA G 59 4.44 -6.57 15.97
C ALA G 59 3.79 -5.29 15.48
N ASP G 60 3.78 -5.09 14.17
CA ASP G 60 3.17 -3.88 13.58
C ASP G 60 1.72 -3.64 14.07
N SER G 61 0.95 -4.72 14.20
CA SER G 61 -0.45 -4.62 14.58
C SER G 61 -0.62 -3.98 15.97
N VAL G 62 0.34 -4.20 16.86
CA VAL G 62 0.19 -3.77 18.24
C VAL G 62 1.10 -2.60 18.60
N LYS G 63 2.06 -2.27 17.75
CA LYS G 63 3.00 -1.20 18.07
C LYS G 63 2.20 0.03 18.41
N GLY G 64 2.52 0.63 19.55
CA GLY G 64 1.88 1.87 19.99
C GLY G 64 0.67 1.65 20.90
N ARG G 65 0.15 0.45 20.95
CA ARG G 65 -1.00 0.16 21.78
C ARG G 65 -0.64 -0.72 22.98
N PHE G 66 0.31 -1.62 22.77
CA PHE G 66 0.76 -2.55 23.80
C PHE G 66 2.14 -2.14 24.33
N THR G 67 2.41 -2.47 25.58
CA THR G 67 3.70 -2.21 26.18
C THR G 67 4.13 -3.43 26.96
N ILE G 68 5.26 -4.02 26.56
CA ILE G 68 5.81 -5.19 27.22
C ILE G 68 6.77 -4.67 28.27
N SER G 69 6.83 -5.36 29.41
CA SER G 69 7.75 -5.01 30.49
C SER G 69 8.00 -6.21 31.39
N ARG G 70 9.00 -6.11 32.25
CA ARG G 70 9.30 -7.19 33.18
C ARG G 70 9.84 -6.70 34.51
N ASP G 71 9.71 -7.56 35.50
CA ASP G 71 10.24 -7.25 36.82
C ASP G 71 11.02 -8.48 37.21
N ASN G 72 12.33 -8.39 37.08
CA ASN G 72 13.18 -9.54 37.30
C ASN G 72 13.25 -9.91 38.77
N SER G 73 13.10 -8.93 39.67
CA SER G 73 13.04 -9.21 41.09
C SER G 73 11.87 -10.17 41.41
N LYS G 74 10.74 -9.98 40.73
CA LYS G 74 9.54 -10.80 40.96
C LYS G 74 9.37 -11.92 39.92
N ASN G 75 10.39 -12.15 39.09
CA ASN G 75 10.33 -13.15 38.00
C ASN G 75 9.04 -13.12 37.20
N THR G 76 8.66 -11.94 36.72
CA THR G 76 7.36 -11.73 36.12
C THR G 76 7.44 -10.87 34.88
N LEU G 77 6.65 -11.23 33.89
CA LEU G 77 6.60 -10.54 32.61
C LEU G 77 5.22 -9.96 32.48
N TYR G 78 5.10 -8.81 31.84
CA TYR G 78 3.85 -8.09 31.73
C TYR G 78 3.54 -7.69 30.31
N LEU G 79 2.25 -7.62 29.97
CA LEU G 79 1.81 -7.00 28.71
C LEU G 79 0.65 -6.09 29.03
N GLN G 80 0.88 -4.80 28.87
CA GLN G 80 -0.17 -3.81 29.05
C GLN G 80 -0.80 -3.62 27.69
N MET G 81 -2.09 -3.92 27.59
CA MET G 81 -2.80 -3.82 26.34
C MET G 81 -3.77 -2.63 26.43
N ASN G 82 -3.63 -1.67 25.52
CA ASN G 82 -4.52 -0.53 25.44
C ASN G 82 -5.16 -0.38 24.06
N SER G 83 -6.17 0.47 23.98
CA SER G 83 -6.91 0.69 22.74
C SER G 83 -7.23 -0.64 22.07
N LEU G 84 -7.81 -1.57 22.84
CA LEU G 84 -8.06 -2.91 22.35
C LEU G 84 -9.12 -2.93 21.25
N ARG G 85 -8.97 -3.87 20.31
CA ARG G 85 -9.87 -4.04 19.16
C ARG G 85 -10.23 -5.51 18.98
N ALA G 86 -11.26 -5.78 18.17
CA ALA G 86 -11.73 -7.14 17.88
C ALA G 86 -10.59 -8.09 17.51
N GLU G 87 -9.71 -7.63 16.62
CA GLU G 87 -8.48 -8.36 16.24
C GLU G 87 -7.63 -8.87 17.44
N ASP G 88 -7.74 -8.21 18.60
CA ASP G 88 -6.97 -8.62 19.76
C ASP G 88 -7.55 -9.85 20.52
N THR G 89 -8.78 -10.25 20.20
CA THR G 89 -9.36 -11.41 20.84
C THR G 89 -8.52 -12.62 20.51
N ALA G 90 -8.00 -13.27 21.54
CA ALA G 90 -7.13 -14.43 21.34
C ALA G 90 -6.74 -15.03 22.68
N VAL G 91 -6.15 -16.23 22.65
CA VAL G 91 -5.52 -16.78 23.84
C VAL G 91 -4.09 -16.29 23.80
N TYR G 92 -3.63 -15.65 24.89
CA TYR G 92 -2.28 -15.13 24.97
C TYR G 92 -1.38 -16.07 25.77
N TYR G 93 -0.15 -16.28 25.30
CA TYR G 93 0.85 -17.12 25.97
C TYR G 93 2.16 -16.37 26.13
N CYS G 94 2.84 -16.51 27.26
CA CYS G 94 4.21 -16.00 27.35
C CYS G 94 5.13 -17.16 27.03
N ALA G 95 6.30 -16.86 26.52
CA ALA G 95 7.21 -17.90 26.07
C ALA G 95 8.62 -17.37 26.02
N LYS G 96 9.59 -18.26 26.19
CA LYS G 96 10.97 -17.92 25.97
C LYS G 96 11.13 -17.69 24.47
N SER G 97 11.70 -16.54 24.11
CA SER G 97 11.85 -16.17 22.70
C SER G 97 12.72 -17.16 21.92
N TYR G 98 13.82 -17.62 22.53
CA TYR G 98 14.77 -18.48 21.80
C TYR G 98 14.94 -19.89 22.39
N GLY G 99 13.98 -20.40 23.13
CA GLY G 99 13.99 -21.82 23.53
C GLY G 99 13.70 -22.87 22.44
N ALA G 100 12.76 -22.60 21.53
CA ALA G 100 12.27 -23.60 20.54
C ALA G 100 13.36 -24.19 19.62
N PHE G 101 14.23 -23.42 18.96
CA PHE G 101 14.11 -22.75 17.64
C PHE G 101 14.37 -21.29 17.40
N ASP G 102 15.15 -21.09 16.34
CA ASP G 102 15.62 -19.82 15.83
C ASP G 102 14.79 -19.52 14.58
N TYR G 103 13.65 -18.89 14.78
CA TYR G 103 12.76 -18.58 13.68
C TYR G 103 13.45 -17.88 12.50
N TRP G 104 14.37 -16.98 12.79
CA TRP G 104 15.04 -16.20 11.75
C TRP G 104 16.09 -16.91 10.95
N GLY G 105 16.68 -17.97 11.50
CA GLY G 105 17.68 -18.75 10.77
C GLY G 105 17.24 -20.18 10.51
N GLN G 106 15.93 -20.40 10.36
CA GLN G 106 15.41 -21.74 10.10
C GLN G 106 14.34 -21.68 9.01
N GLY G 107 13.90 -22.84 8.53
CA GLY G 107 12.78 -22.91 7.60
C GLY G 107 13.14 -23.36 6.20
N THR G 108 12.35 -24.31 5.69
CA THR G 108 12.47 -24.83 4.34
C THR G 108 11.09 -24.62 3.70
N LEU G 109 11.07 -24.04 2.52
CA LEU G 109 9.81 -23.72 1.84
C LEU G 109 9.22 -24.95 1.16
N VAL G 110 7.98 -25.29 1.48
CA VAL G 110 7.26 -26.35 0.75
C VAL G 110 6.16 -25.64 0.01
N THR G 111 6.01 -25.99 -1.28
CA THR G 111 5.01 -25.36 -2.15
C THR G 111 4.30 -26.43 -2.97
N VAL G 112 2.96 -26.35 -3.04
CA VAL G 112 2.15 -27.31 -3.79
C VAL G 112 1.36 -26.60 -4.89
N SER G 113 1.94 -26.44 -6.09
CA SER G 113 1.28 -25.64 -7.15
C SER G 113 0.39 -26.51 -8.03
N GLN H 1 21.00 -24.99 17.74
CA GLN H 1 21.13 -25.07 16.24
C GLN H 1 20.31 -26.23 15.59
N LEU H 2 19.37 -25.87 14.72
CA LEU H 2 18.56 -26.81 13.97
C LEU H 2 18.57 -26.32 12.52
N LEU H 3 18.76 -27.22 11.57
CA LEU H 3 18.81 -26.86 10.15
C LEU H 3 17.89 -27.74 9.32
N GLU H 4 16.78 -27.16 8.84
CA GLU H 4 15.81 -27.92 8.00
C GLU H 4 16.31 -28.06 6.57
N SER H 5 15.84 -29.09 5.90
CA SER H 5 16.11 -29.25 4.46
C SER H 5 15.06 -30.15 3.85
N GLY H 6 14.97 -30.17 2.52
CA GLY H 6 14.02 -31.03 1.81
C GLY H 6 12.87 -30.32 1.13
N GLY H 7 12.64 -29.06 1.44
CA GLY H 7 11.54 -28.31 0.83
C GLY H 7 11.64 -28.19 -0.68
N GLY H 8 10.52 -27.94 -1.35
CA GLY H 8 10.49 -27.86 -2.82
C GLY H 8 9.09 -27.73 -3.38
N LEU H 9 8.98 -27.79 -4.72
CA LEU H 9 7.69 -27.74 -5.41
C LEU H 9 7.21 -29.20 -5.58
N VAL H 10 5.97 -29.48 -5.21
CA VAL H 10 5.37 -30.80 -5.40
C VAL H 10 3.96 -30.65 -6.03
N GLN H 11 3.58 -31.58 -6.91
CA GLN H 11 2.22 -31.60 -7.46
C GLN H 11 1.25 -32.07 -6.34
N PRO H 12 -0.02 -31.63 -6.38
CA PRO H 12 -0.95 -32.16 -5.39
C PRO H 12 -1.08 -33.68 -5.51
N GLY H 13 -1.20 -34.35 -4.37
CA GLY H 13 -1.16 -35.81 -4.33
C GLY H 13 0.24 -36.34 -4.14
N GLY H 14 1.23 -35.47 -4.22
CA GLY H 14 2.64 -35.88 -4.18
C GLY H 14 3.18 -36.10 -2.78
N SER H 15 4.40 -36.64 -2.74
CA SER H 15 5.10 -36.93 -1.50
C SER H 15 6.38 -36.07 -1.38
N LEU H 16 6.87 -35.89 -0.15
CA LEU H 16 8.06 -35.10 0.12
C LEU H 16 8.57 -35.45 1.53
N ARG H 17 9.89 -35.44 1.71
CA ARG H 17 10.50 -35.79 2.99
C ARG H 17 11.40 -34.67 3.48
N LEU H 18 10.97 -34.03 4.56
CA LEU H 18 11.75 -33.01 5.18
C LEU H 18 12.69 -33.66 6.14
N SER H 19 13.84 -33.04 6.37
CA SER H 19 14.85 -33.49 7.31
C SER H 19 15.25 -32.31 8.17
N CYS H 20 15.57 -32.56 9.43
CA CYS H 20 16.04 -31.52 10.32
C CYS H 20 17.26 -32.04 11.07
N ALA H 21 18.37 -31.33 10.96
CA ALA H 21 19.66 -31.77 11.57
C ALA H 21 19.96 -30.99 12.85
N ALA H 22 20.04 -31.69 13.98
CA ALA H 22 20.18 -31.03 15.30
C ALA H 22 21.62 -31.12 15.79
N SER H 23 22.08 -30.06 16.45
CA SER H 23 23.38 -30.03 17.11
C SER H 23 23.36 -29.15 18.36
N GLY H 24 24.32 -29.37 19.25
CA GLY H 24 24.48 -28.53 20.44
C GLY H 24 23.64 -28.91 21.65
N PHE H 25 22.93 -30.04 21.58
CA PHE H 25 22.17 -30.53 22.74
C PHE H 25 21.90 -32.02 22.66
N THR H 26 21.47 -32.60 23.78
CA THR H 26 21.26 -34.01 23.84
C THR H 26 19.90 -34.28 23.16
N PHE H 27 20.01 -34.61 21.88
CA PHE H 27 18.89 -34.82 21.00
C PHE H 27 18.03 -36.02 21.46
N SER H 28 18.70 -37.13 21.78
CA SER H 28 18.08 -38.35 22.31
C SER H 28 17.01 -38.01 23.35
N ASP H 29 17.30 -37.01 24.20
CA ASP H 29 16.47 -36.69 25.36
C ASP H 29 15.39 -35.65 25.10
N GLU H 30 15.23 -35.19 23.86
CA GLU H 30 14.37 -34.04 23.59
C GLU H 30 13.17 -34.35 22.70
N ASP H 31 11.98 -33.97 23.18
CA ASP H 31 10.75 -34.09 22.45
C ASP H 31 10.75 -33.01 21.37
N MET H 32 10.64 -33.43 20.10
CA MET H 32 10.73 -32.53 18.95
C MET H 32 9.39 -32.37 18.21
N SER H 33 9.18 -31.19 17.63
CA SER H 33 7.98 -30.90 16.86
C SER H 33 8.33 -30.36 15.50
N TRP H 34 7.42 -30.54 14.55
CA TRP H 34 7.43 -29.78 13.32
C TRP H 34 6.29 -28.81 13.39
N VAL H 35 6.55 -27.57 12.97
CA VAL H 35 5.51 -26.55 12.92
C VAL H 35 5.61 -25.85 11.57
N ARG H 36 4.56 -25.17 11.16
CA ARG H 36 4.58 -24.55 9.85
C ARG H 36 3.85 -23.23 9.82
N GLN H 37 4.21 -22.43 8.85
CA GLN H 37 3.59 -21.15 8.64
C GLN H 37 3.10 -21.01 7.21
N ALA H 38 1.79 -21.14 7.02
CA ALA H 38 1.20 -20.93 5.69
C ALA H 38 1.27 -19.44 5.35
N PRO H 39 1.32 -19.10 4.06
CA PRO H 39 1.51 -17.70 3.68
C PRO H 39 0.41 -16.84 4.28
N GLY H 40 0.81 -15.77 4.98
CA GLY H 40 -0.14 -14.84 5.61
C GLY H 40 -0.69 -15.30 6.94
N LYS H 41 -0.78 -16.62 7.14
CA LYS H 41 -1.26 -17.18 8.41
C LYS H 41 -0.14 -17.20 9.49
N GLY H 42 -0.45 -17.69 10.68
CA GLY H 42 0.52 -17.80 11.77
C GLY H 42 1.19 -19.17 11.85
N LEU H 43 1.82 -19.46 12.98
CA LEU H 43 2.47 -20.74 13.16
C LEU H 43 1.46 -21.77 13.59
N GLU H 44 1.48 -22.91 12.91
CA GLU H 44 0.58 -24.01 13.14
C GLU H 44 1.41 -25.25 13.43
N TRP H 45 1.10 -25.91 14.53
CA TRP H 45 1.79 -27.12 14.94
C TRP H 45 1.30 -28.25 14.10
N VAL H 46 2.23 -29.06 13.58
CA VAL H 46 1.92 -30.12 12.60
C VAL H 46 2.04 -31.49 13.24
N SER H 47 3.17 -31.74 13.91
CA SER H 47 3.43 -33.06 14.46
C SER H 47 4.52 -33.04 15.54
N ALA H 48 4.59 -34.09 16.34
CA ALA H 48 5.58 -34.16 17.43
C ALA H 48 6.00 -35.59 17.70
N ILE H 49 7.19 -35.75 18.28
CA ILE H 49 7.70 -37.09 18.57
C ILE H 49 8.52 -37.10 19.84
N SER H 50 8.37 -38.13 20.64
CA SER H 50 9.10 -38.23 21.90
C SER H 50 10.57 -38.50 21.64
N GLY H 51 11.40 -38.25 22.64
CA GLY H 51 12.84 -38.48 22.52
C GLY H 51 13.17 -39.86 22.00
N SER H 52 12.60 -40.86 22.64
CA SER H 52 12.83 -42.26 22.27
C SER H 52 12.29 -42.57 20.89
N GLY H 53 11.27 -41.83 20.45
CA GLY H 53 10.56 -42.13 19.21
C GLY H 53 9.36 -43.02 19.46
N GLY H 54 9.11 -43.38 20.71
CA GLY H 54 8.03 -44.29 21.04
C GLY H 54 6.63 -43.69 21.00
N SER H 55 6.53 -42.37 21.06
CA SER H 55 5.24 -41.69 21.02
C SER H 55 5.27 -40.64 19.94
N THR H 56 4.24 -40.65 19.10
CA THR H 56 4.09 -39.66 18.04
C THR H 56 2.72 -39.00 18.16
N TYR H 57 2.63 -37.79 17.59
CA TYR H 57 1.43 -36.96 17.68
C TYR H 57 1.26 -36.17 16.39
N TYR H 58 0.02 -36.06 15.92
CA TYR H 58 -0.28 -35.34 14.70
C TYR H 58 -1.47 -34.41 14.83
N ALA H 59 -1.41 -33.28 14.14
CA ALA H 59 -2.58 -32.38 14.04
C ALA H 59 -3.64 -33.09 13.21
N ASP H 60 -4.91 -32.82 13.51
CA ASP H 60 -6.01 -33.43 12.78
C ASP H 60 -5.83 -33.31 11.26
N SER H 61 -5.40 -32.14 10.79
CA SER H 61 -5.29 -31.85 9.35
C SER H 61 -4.32 -32.79 8.63
N VAL H 62 -3.30 -33.29 9.34
CA VAL H 62 -2.27 -34.10 8.74
C VAL H 62 -2.31 -35.57 9.18
N LYS H 63 -3.08 -35.90 10.21
CA LYS H 63 -3.13 -37.28 10.70
C LYS H 63 -3.45 -38.22 9.55
N GLY H 64 -2.64 -39.26 9.40
CA GLY H 64 -2.81 -40.23 8.33
C GLY H 64 -2.07 -39.93 7.04
N ARG H 65 -1.58 -38.72 6.88
CA ARG H 65 -0.89 -38.33 5.64
C ARG H 65 0.58 -38.11 5.88
N PHE H 66 0.92 -37.62 7.07
CA PHE H 66 2.29 -37.33 7.44
C PHE H 66 2.74 -38.40 8.42
N THR H 67 4.05 -38.63 8.46
CA THR H 67 4.66 -39.50 9.44
C THR H 67 5.91 -38.85 9.99
N ILE H 68 5.96 -38.67 11.30
CA ILE H 68 7.12 -38.08 11.94
C ILE H 68 8.00 -39.22 12.35
N SER H 69 9.32 -39.03 12.28
CA SER H 69 10.27 -40.03 12.76
C SER H 69 11.61 -39.41 13.05
N ARG H 70 12.48 -40.14 13.74
CA ARG H 70 13.81 -39.64 14.07
C ARG H 70 14.89 -40.74 14.04
N ASP H 71 16.13 -40.29 13.96
CA ASP H 71 17.25 -41.18 14.02
C ASP H 71 18.22 -40.52 14.97
N ASN H 72 18.24 -41.00 16.20
CA ASN H 72 19.05 -40.40 17.24
C ASN H 72 20.55 -40.65 17.06
N SER H 73 20.91 -41.73 16.40
CA SER H 73 22.31 -41.94 16.04
C SER H 73 22.81 -40.78 15.17
N LYS H 74 21.98 -40.34 14.22
CA LYS H 74 22.36 -39.29 13.24
C LYS H 74 21.85 -37.90 13.70
N ASN H 75 21.34 -37.79 14.93
CA ASN H 75 20.75 -36.54 15.44
C ASN H 75 19.85 -35.81 14.44
N THR H 76 18.90 -36.55 13.88
CA THR H 76 18.08 -36.05 12.78
C THR H 76 16.61 -36.35 13.00
N LEU H 77 15.78 -35.41 12.58
CA LEU H 77 14.33 -35.53 12.66
C LEU H 77 13.78 -35.50 11.25
N TYR H 78 12.70 -36.23 11.01
CA TYR H 78 12.14 -36.38 9.68
C TYR H 78 10.63 -36.17 9.64
N LEU H 79 10.14 -35.60 8.55
CA LEU H 79 8.70 -35.54 8.30
C LEU H 79 8.44 -36.06 6.91
N GLN H 80 7.81 -37.21 6.82
CA GLN H 80 7.38 -37.73 5.53
C GLN H 80 6.01 -37.18 5.30
N MET H 81 5.85 -36.43 4.21
CA MET H 81 4.56 -35.83 3.84
C MET H 81 4.01 -36.52 2.61
N ASN H 82 2.82 -37.10 2.72
CA ASN H 82 2.17 -37.77 1.59
C ASN H 82 0.81 -37.17 1.29
N SER H 83 0.25 -37.51 0.14
CA SER H 83 -1.07 -36.99 -0.28
C SER H 83 -1.17 -35.48 -0.03
N LEU H 84 -0.17 -34.75 -0.52
CA LEU H 84 -0.06 -33.32 -0.27
C LEU H 84 -1.20 -32.54 -0.94
N ARG H 85 -1.65 -31.48 -0.27
CA ARG H 85 -2.74 -30.62 -0.76
C ARG H 85 -2.32 -29.15 -0.63
N ALA H 86 -3.08 -28.26 -1.29
CA ALA H 86 -2.82 -26.80 -1.27
C ALA H 86 -2.59 -26.25 0.15
N GLU H 87 -3.44 -26.64 1.08
CA GLU H 87 -3.29 -26.29 2.50
C GLU H 87 -1.89 -26.57 3.08
N ASP H 88 -1.15 -27.52 2.50
CA ASP H 88 0.16 -27.89 3.03
C ASP H 88 1.28 -26.93 2.61
N THR H 89 1.00 -26.02 1.69
CA THR H 89 1.98 -25.01 1.30
C THR H 89 2.30 -24.12 2.51
N ALA H 90 3.57 -24.06 2.87
CA ALA H 90 4.01 -23.29 4.03
C ALA H 90 5.50 -23.38 4.16
N VAL H 91 6.06 -22.59 5.08
CA VAL H 91 7.44 -22.76 5.49
C VAL H 91 7.44 -23.67 6.72
N TYR H 92 8.17 -24.77 6.66
CA TYR H 92 8.19 -25.77 7.76
C TYR H 92 9.44 -25.55 8.62
N TYR H 93 9.25 -25.61 9.94
CA TYR H 93 10.34 -25.50 10.90
C TYR H 93 10.33 -26.68 11.85
N CYS H 94 11.49 -27.20 12.22
CA CYS H 94 11.55 -28.15 13.34
C CYS H 94 11.86 -27.36 14.59
N ALA H 95 11.45 -27.86 15.73
CA ALA H 95 11.64 -27.12 16.98
C ALA H 95 11.57 -28.09 18.15
N LYS H 96 12.21 -27.71 19.25
CA LYS H 96 12.06 -28.41 20.50
C LYS H 96 10.65 -28.16 21.02
N SER H 97 9.91 -29.23 21.28
CA SER H 97 8.51 -29.11 21.69
C SER H 97 8.33 -28.24 22.94
N TYR H 98 9.17 -28.44 23.96
CA TYR H 98 8.99 -27.80 25.26
C TYR H 98 10.12 -26.86 25.62
N GLY H 99 10.87 -26.40 24.63
CA GLY H 99 11.91 -25.40 24.89
C GLY H 99 11.30 -24.01 24.96
N ALA H 100 10.12 -23.90 24.37
CA ALA H 100 9.30 -22.69 24.33
C ALA H 100 9.06 -22.17 25.76
N PHE H 101 8.14 -22.70 26.58
CA PHE H 101 6.69 -22.68 26.39
C PHE H 101 5.99 -24.05 26.30
N ASP H 102 4.83 -24.12 26.99
CA ASP H 102 4.02 -25.32 27.08
C ASP H 102 2.63 -25.00 26.51
N TYR H 103 2.50 -25.12 25.20
CA TYR H 103 1.27 -24.76 24.50
C TYR H 103 0.07 -25.30 25.19
N TRP H 104 0.17 -26.55 25.65
CA TRP H 104 -1.02 -27.34 25.94
C TRP H 104 -1.72 -26.89 27.20
N GLY H 105 -0.92 -26.65 28.25
CA GLY H 105 -1.43 -26.21 29.56
C GLY H 105 -1.48 -24.71 29.80
N GLN H 106 -0.65 -23.94 29.09
CA GLN H 106 -0.62 -22.50 29.21
C GLN H 106 -1.74 -21.81 28.51
N GLY H 107 -1.77 -20.48 28.69
CA GLY H 107 -2.66 -19.57 27.97
C GLY H 107 -3.61 -18.74 28.83
N THR H 108 -3.85 -17.50 28.43
CA THR H 108 -4.92 -16.69 29.02
C THR H 108 -5.75 -15.98 27.93
N LEU H 109 -7.08 -16.15 27.98
CA LEU H 109 -8.02 -15.60 26.98
C LEU H 109 -8.38 -14.12 27.20
N VAL H 110 -8.32 -13.35 26.12
CA VAL H 110 -8.71 -11.96 26.07
C VAL H 110 -9.84 -11.91 25.02
N THR H 111 -10.96 -11.27 25.34
CA THR H 111 -12.11 -11.25 24.45
C THR H 111 -12.57 -9.81 24.30
N VAL H 112 -12.46 -9.26 23.09
CA VAL H 112 -12.91 -7.90 22.81
C VAL H 112 -14.27 -7.91 22.09
N SER H 113 -15.32 -7.49 22.83
CA SER H 113 -16.70 -7.41 22.31
C SER H 113 -17.47 -6.32 23.07
N GLN I 1 21.08 7.20 18.54
CA GLN I 1 19.87 7.29 19.45
C GLN I 1 18.92 8.43 19.04
N LEU I 2 17.67 8.08 18.76
CA LEU I 2 16.62 9.05 18.48
C LEU I 2 15.36 8.60 19.24
N LEU I 3 14.69 9.52 19.92
CA LEU I 3 13.50 9.17 20.72
C LEU I 3 12.34 10.07 20.35
N GLU I 4 11.34 9.51 19.70
CA GLU I 4 10.14 10.26 19.33
C GLU I 4 9.19 10.38 20.51
N SER I 5 8.39 11.44 20.49
CA SER I 5 7.31 11.63 21.46
C SER I 5 6.24 12.55 20.88
N GLY I 6 5.08 12.60 21.52
CA GLY I 6 3.99 13.47 21.10
C GLY I 6 2.76 12.79 20.51
N GLY I 7 2.89 11.51 20.16
CA GLY I 7 1.78 10.76 19.55
C GLY I 7 0.56 10.66 20.44
N GLY I 8 -0.60 10.42 19.85
CA GLY I 8 -1.87 10.35 20.60
C GLY I 8 -3.10 10.16 19.74
N LEU I 9 -4.27 10.28 20.36
CA LEU I 9 -5.56 10.25 19.64
C LEU I 9 -5.93 11.70 19.32
N VAL I 10 -6.30 11.98 18.06
CA VAL I 10 -6.75 13.31 17.64
C VAL I 10 -8.02 13.19 16.76
N GLN I 11 -8.96 14.11 16.90
CA GLN I 11 -10.15 14.11 16.05
C GLN I 11 -9.73 14.57 14.64
N PRO I 12 -10.46 14.14 13.58
CA PRO I 12 -10.12 14.66 12.25
C PRO I 12 -10.27 16.18 12.19
N GLY I 13 -9.36 16.83 11.46
CA GLY I 13 -9.27 18.29 11.47
C GLY I 13 -8.35 18.82 12.57
N GLY I 14 -7.91 17.94 13.47
CA GLY I 14 -7.12 18.37 14.62
C GLY I 14 -5.66 18.56 14.32
N SER I 15 -4.94 19.13 15.31
CA SER I 15 -3.51 19.39 15.23
C SER I 15 -2.76 18.55 16.27
N LEU I 16 -1.47 18.31 16.01
CA LEU I 16 -0.59 17.53 16.91
C LEU I 16 0.86 17.89 16.61
N ARG I 17 1.71 17.86 17.62
CA ARG I 17 3.14 18.18 17.45
C ARG I 17 4.00 17.06 17.96
N LEU I 18 4.67 16.39 17.03
CA LEU I 18 5.62 15.36 17.38
C LEU I 18 7.00 15.99 17.62
N SER I 19 7.76 15.39 18.52
CA SER I 19 9.11 15.84 18.87
C SER I 19 10.03 14.64 18.76
N CYS I 20 11.27 14.88 18.34
CA CYS I 20 12.27 13.82 18.26
C CYS I 20 13.57 14.32 18.90
N ALA I 21 14.07 13.60 19.89
CA ALA I 21 15.27 14.01 20.64
C ALA I 21 16.49 13.20 20.21
N ALA I 22 17.49 13.90 19.70
CA ALA I 22 18.68 13.26 19.12
C ALA I 22 19.87 13.37 20.04
N SER I 23 20.68 12.31 20.07
CA SER I 23 21.92 12.27 20.84
C SER I 23 22.94 11.37 20.17
N GLY I 24 24.21 11.55 20.52
CA GLY I 24 25.26 10.69 20.01
C GLY I 24 25.83 11.04 18.65
N PHE I 25 25.44 12.18 18.07
CA PHE I 25 26.06 12.65 16.82
C PHE I 25 25.88 14.15 16.64
N THR I 26 26.63 14.72 15.70
CA THR I 26 26.55 16.15 15.44
C THR I 26 25.25 16.44 14.67
N PHE I 27 24.21 16.76 15.44
CA PHE I 27 22.84 17.01 14.96
C PHE I 27 22.80 18.16 13.97
N SER I 28 23.43 19.27 14.34
CA SER I 28 23.58 20.47 13.49
C SER I 28 23.95 20.14 12.03
N ASP I 29 24.78 19.11 11.84
CA ASP I 29 25.29 18.77 10.51
C ASP I 29 24.49 17.66 9.79
N GLU I 30 23.35 17.24 10.31
CA GLU I 30 22.63 16.09 9.76
C GLU I 30 21.23 16.40 9.20
N ASP I 31 21.02 16.05 7.94
CA ASP I 31 19.72 16.15 7.29
C ASP I 31 18.82 15.10 7.96
N MET I 32 17.66 15.53 8.46
CA MET I 32 16.74 14.64 9.15
C MET I 32 15.43 14.50 8.41
N SER I 33 14.80 13.34 8.56
CA SER I 33 13.49 13.06 7.95
C SER I 33 12.49 12.57 8.98
N TRP I 34 11.20 12.76 8.70
CA TRP I 34 10.15 12.01 9.37
C TRP I 34 9.61 11.04 8.38
N VAL I 35 9.38 9.81 8.84
CA VAL I 35 8.77 8.76 8.01
C VAL I 35 7.69 8.11 8.82
N ARG I 36 6.74 7.45 8.17
CA ARG I 36 5.66 6.83 8.89
C ARG I 36 5.22 5.52 8.30
N GLN I 37 4.58 4.72 9.13
CA GLN I 37 4.07 3.43 8.73
C GLN I 37 2.61 3.33 9.08
N ALA I 38 1.75 3.43 8.08
CA ALA I 38 0.32 3.22 8.28
C ALA I 38 0.03 1.73 8.53
N PRO I 39 -1.05 1.42 9.25
CA PRO I 39 -1.27 0.04 9.64
C PRO I 39 -1.35 -0.84 8.39
N GLY I 40 -0.58 -1.91 8.40
CA GLY I 40 -0.56 -2.86 7.28
C GLY I 40 0.28 -2.40 6.10
N LYS I 41 0.40 -1.09 5.90
CA LYS I 41 1.24 -0.53 4.82
C LYS I 41 2.74 -0.53 5.18
N GLY I 42 3.60 -0.06 4.27
CA GLY I 42 5.05 0.02 4.50
C GLY I 42 5.50 1.38 4.99
N LEU I 43 6.79 1.66 4.93
CA LEU I 43 7.31 2.93 5.38
C LEU I 43 7.18 3.96 4.29
N GLU I 44 6.59 5.10 4.66
CA GLU I 44 6.31 6.19 3.74
C GLU I 44 7.02 7.43 4.28
N TRP I 45 7.78 8.08 3.41
CA TRP I 45 8.49 9.30 3.76
C TRP I 45 7.53 10.46 3.81
N VAL I 46 7.61 11.26 4.88
CA VAL I 46 6.64 12.31 5.10
C VAL I 46 7.24 13.70 4.89
N SER I 47 8.41 13.94 5.48
CA SER I 47 9.03 15.26 5.39
C SER I 47 10.50 15.22 5.75
N ALA I 48 11.27 16.23 5.33
CA ALA I 48 12.71 16.28 5.56
C ALA I 48 13.20 17.70 5.74
N ILE I 49 14.33 17.86 6.43
CA ILE I 49 14.86 19.20 6.70
C ILE I 49 16.36 19.17 6.72
N SER I 50 16.97 20.21 6.17
CA SER I 50 18.43 20.31 6.13
C SER I 50 19.01 20.57 7.52
N GLY I 51 20.31 20.33 7.67
CA GLY I 51 20.97 20.56 8.95
C GLY I 51 20.71 21.95 9.49
N SER I 52 20.96 22.96 8.66
CA SER I 52 20.76 24.34 9.04
C SER I 52 19.30 24.66 9.32
N GLY I 53 18.38 23.93 8.68
CA GLY I 53 16.95 24.25 8.73
C GLY I 53 16.52 25.12 7.57
N GLY I 54 17.46 25.47 6.70
CA GLY I 54 17.21 26.37 5.59
C GLY I 54 16.43 25.78 4.43
N SER I 55 16.41 24.46 4.33
CA SER I 55 15.66 23.79 3.28
C SER I 55 14.73 22.78 3.91
N THR I 56 13.48 22.79 3.47
CA THR I 56 12.50 21.80 3.92
C THR I 56 11.82 21.12 2.70
N TYR I 57 11.31 19.92 2.95
CA TYR I 57 10.74 19.10 1.92
C TYR I 57 9.54 18.36 2.48
N TYR I 58 8.47 18.24 1.69
CA TYR I 58 7.26 17.52 2.10
C TYR I 58 6.72 16.58 1.01
N ALA I 59 6.16 15.46 1.42
CA ALA I 59 5.48 14.55 0.50
C ALA I 59 4.21 15.25 0.07
N ASP I 60 3.77 14.96 -1.15
CA ASP I 60 2.57 15.58 -1.72
C ASP I 60 1.37 15.46 -0.79
N SER I 61 1.21 14.32 -0.13
CA SER I 61 0.04 14.06 0.72
C SER I 61 -0.02 15.01 1.94
N VAL I 62 1.13 15.51 2.39
CA VAL I 62 1.16 16.35 3.57
C VAL I 62 1.48 17.82 3.28
N LYS I 63 1.93 18.12 2.06
CA LYS I 63 2.34 19.49 1.71
C LYS I 63 1.20 20.43 2.07
N GLY I 64 1.53 21.45 2.87
CA GLY I 64 0.54 22.46 3.26
C GLY I 64 -0.20 22.17 4.55
N ARG I 65 -0.04 20.98 5.11
CA ARG I 65 -0.68 20.62 6.37
C ARG I 65 0.34 20.41 7.48
N PHE I 66 1.50 19.86 7.13
CA PHE I 66 2.56 19.57 8.09
C PHE I 66 3.68 20.58 7.94
N THR I 67 4.39 20.84 9.03
CA THR I 67 5.54 21.73 9.00
C THR I 67 6.66 21.09 9.78
N ILE I 68 7.78 20.88 9.12
CA ILE I 68 8.94 20.28 9.78
C ILE I 68 9.81 21.43 10.27
N SER I 69 10.43 21.25 11.44
CA SER I 69 11.36 22.25 11.96
C SER I 69 12.35 21.62 12.92
N ARG I 70 13.38 22.37 13.29
CA ARG I 70 14.35 21.85 14.24
C ARG I 70 14.91 22.95 15.12
N ASP I 71 15.46 22.53 16.26
CA ASP I 71 16.10 23.42 17.20
C ASP I 71 17.43 22.74 17.52
N ASN I 72 18.47 23.21 16.86
CA ASN I 72 19.79 22.61 17.00
C ASN I 72 20.42 22.85 18.38
N SER I 73 20.06 23.96 19.01
CA SER I 73 20.47 24.23 20.40
C SER I 73 19.99 23.10 21.33
N LYS I 74 18.76 22.64 21.13
CA LYS I 74 18.16 21.58 21.95
C LYS I 74 18.26 20.18 21.30
N ASN I 75 19.04 20.03 20.22
CA ASN I 75 19.15 18.76 19.50
C ASN I 75 17.81 18.08 19.29
N THR I 76 16.85 18.82 18.74
CA THR I 76 15.48 18.34 18.63
C THR I 76 14.86 18.65 17.27
N LEU I 77 14.11 17.67 16.77
CA LEU I 77 13.38 17.79 15.52
C LEU I 77 11.88 17.83 15.84
N TYR I 78 11.12 18.56 15.03
CA TYR I 78 9.69 18.69 15.25
C TYR I 78 8.88 18.44 14.00
N LEU I 79 7.67 17.90 14.17
CA LEU I 79 6.70 17.84 13.09
C LEU I 79 5.38 18.37 13.61
N GLN I 80 4.98 19.53 13.09
CA GLN I 80 3.68 20.10 13.38
C GLN I 80 2.70 19.54 12.37
N MET I 81 1.71 18.80 12.85
CA MET I 81 0.71 18.19 11.97
C MET I 81 -0.63 18.87 12.15
N ASN I 82 -1.16 19.46 11.08
CA ASN I 82 -2.46 20.15 11.13
C ASN I 82 -3.42 19.54 10.15
N SER I 83 -4.70 19.91 10.26
CA SER I 83 -5.77 19.40 9.37
C SER I 83 -5.63 17.89 9.18
N LEU I 84 -5.53 17.17 10.30
CA LEU I 84 -5.27 15.71 10.26
C LEU I 84 -6.45 14.94 9.68
N ARG I 85 -6.12 13.87 8.96
CA ARG I 85 -7.10 13.01 8.29
C ARG I 85 -6.80 11.53 8.56
N ALA I 86 -7.77 10.65 8.29
CA ALA I 86 -7.65 9.21 8.55
C ALA I 86 -6.34 8.65 8.00
N GLU I 87 -6.01 9.03 6.76
CA GLU I 87 -4.73 8.67 6.13
C GLU I 87 -3.50 8.93 7.02
N ASP I 88 -3.60 9.88 7.94
CA ASP I 88 -2.44 10.25 8.78
C ASP I 88 -2.20 9.30 9.94
N THR I 89 -3.15 8.40 10.20
CA THR I 89 -2.97 7.37 11.23
C THR I 89 -1.81 6.45 10.89
N ALA I 90 -0.82 6.42 11.77
CA ALA I 90 0.41 5.66 11.52
C ALA I 90 1.35 5.79 12.71
N VAL I 91 2.38 4.96 12.73
CA VAL I 91 3.48 5.13 13.67
C VAL I 91 4.53 6.01 13.00
N TYR I 92 4.90 7.11 13.64
CA TYR I 92 5.83 8.07 13.05
C TYR I 92 7.23 7.89 13.63
N TYR I 93 8.24 7.95 12.77
CA TYR I 93 9.64 7.79 13.19
C TYR I 93 10.44 8.93 12.66
N CYS I 94 11.38 9.45 13.46
CA CYS I 94 12.39 10.38 12.89
C CYS I 94 13.62 9.56 12.53
N ALA I 95 14.34 10.05 11.54
CA ALA I 95 15.48 9.30 11.00
C ALA I 95 16.47 10.23 10.32
N LYS I 96 17.72 9.83 10.28
CA LYS I 96 18.72 10.52 9.48
C LYS I 96 18.39 10.25 8.03
N SER I 97 18.25 11.31 7.25
CA SER I 97 17.86 11.19 5.85
C SER I 97 18.81 10.31 5.03
N TYR I 98 20.12 10.51 5.24
CA TYR I 98 21.13 9.83 4.39
C TYR I 98 22.03 8.90 5.21
N GLY I 99 21.58 8.50 6.39
CA GLY I 99 22.31 7.52 7.19
C GLY I 99 22.14 6.08 6.69
N ALA I 100 21.04 5.82 5.99
CA ALA I 100 20.81 4.54 5.29
C ALA I 100 21.93 4.34 4.23
N PHE I 101 21.93 4.94 3.02
CA PHE I 101 20.92 4.85 1.95
C PHE I 101 20.19 6.14 1.45
N ASP I 102 20.23 6.30 0.11
CA ASP I 102 19.69 7.46 -0.62
C ASP I 102 18.46 7.17 -1.52
N TYR I 103 17.27 7.42 -1.00
CA TYR I 103 16.03 7.10 -1.70
C TYR I 103 15.91 7.66 -3.10
N TRP I 104 16.57 8.79 -3.37
CA TRP I 104 16.35 9.55 -4.60
C TRP I 104 17.15 9.11 -5.77
N GLY I 105 18.42 8.79 -5.48
CA GLY I 105 19.37 8.38 -6.48
C GLY I 105 19.30 6.88 -6.71
N GLN I 106 19.16 6.14 -5.63
CA GLN I 106 19.21 4.69 -5.70
C GLN I 106 17.94 4.08 -6.28
N GLY I 107 17.99 2.76 -6.47
CA GLY I 107 16.87 1.93 -6.91
C GLY I 107 17.13 1.15 -8.20
N THR I 108 16.59 -0.05 -8.29
CA THR I 108 16.65 -0.80 -9.54
C THR I 108 15.36 -1.62 -9.74
N LEU I 109 14.68 -1.37 -10.86
CA LEU I 109 13.35 -1.93 -11.12
C LEU I 109 13.43 -3.42 -11.45
N VAL I 110 12.78 -4.23 -10.62
CA VAL I 110 12.46 -5.58 -11.02
C VAL I 110 10.96 -5.61 -11.34
N THR I 111 10.62 -5.83 -12.61
CA THR I 111 9.24 -6.05 -13.06
C THR I 111 9.04 -7.55 -13.37
N VAL I 112 8.06 -8.16 -12.71
CA VAL I 112 7.66 -9.53 -13.00
C VAL I 112 6.26 -9.56 -13.64
N SER I 113 6.18 -9.79 -14.96
CA SER I 113 4.87 -9.91 -15.66
C SER I 113 4.88 -11.05 -16.67
N GLN J 1 -2.07 -51.49 24.73
CA GLN J 1 -1.53 -51.32 23.33
C GLN J 1 -2.46 -51.88 22.24
N LEU J 2 -2.86 -51.04 21.29
CA LEU J 2 -3.66 -51.45 20.13
C LEU J 2 -3.06 -50.79 18.89
N LEU J 3 -2.86 -51.54 17.82
CA LEU J 3 -2.26 -50.96 16.60
C LEU J 3 -3.13 -51.26 15.38
N GLU J 4 -3.72 -50.22 14.83
CA GLU J 4 -4.55 -50.37 13.63
C GLU J 4 -3.70 -50.41 12.38
N SER J 5 -4.22 -51.06 11.35
CA SER J 5 -3.58 -51.10 10.02
C SER J 5 -4.64 -51.39 8.99
N GLY J 6 -4.30 -51.14 7.71
CA GLY J 6 -5.20 -51.44 6.59
C GLY J 6 -5.77 -50.24 5.84
N GLY J 7 -5.62 -49.04 6.43
CA GLY J 7 -6.15 -47.83 5.81
C GLY J 7 -5.55 -47.53 4.46
N GLY J 8 -6.26 -46.74 3.65
CA GLY J 8 -5.80 -46.43 2.30
C GLY J 8 -6.81 -45.64 1.50
N LEU J 9 -6.52 -45.44 0.21
CA LEU J 9 -7.42 -44.75 -0.73
C LEU J 9 -8.25 -45.81 -1.44
N VAL J 10 -9.56 -45.65 -1.45
CA VAL J 10 -10.48 -46.57 -2.12
C VAL J 10 -11.48 -45.78 -2.95
N GLN J 11 -11.84 -46.30 -4.12
CA GLN J 11 -12.88 -45.69 -4.95
C GLN J 11 -14.25 -45.90 -4.26
N PRO J 12 -15.22 -44.98 -4.46
CA PRO J 12 -16.55 -45.25 -3.92
C PRO J 12 -17.13 -46.55 -4.48
N GLY J 13 -17.83 -47.29 -3.63
CA GLY J 13 -18.30 -48.64 -3.99
C GLY J 13 -17.29 -49.71 -3.64
N GLY J 14 -16.09 -49.32 -3.25
CA GLY J 14 -15.00 -50.27 -3.01
C GLY J 14 -15.04 -50.91 -1.63
N SER J 15 -14.15 -51.89 -1.44
CA SER J 15 -14.03 -52.62 -0.19
C SER J 15 -12.66 -52.38 0.46
N LEU J 16 -12.58 -52.62 1.77
CA LEU J 16 -11.33 -52.45 2.50
C LEU J 16 -11.42 -53.19 3.83
N ARG J 17 -10.30 -53.74 4.30
CA ARG J 17 -10.27 -54.51 5.55
C ARG J 17 -9.25 -53.96 6.54
N LEU J 18 -9.76 -53.37 7.62
CA LEU J 18 -8.91 -52.84 8.68
C LEU J 18 -8.63 -53.94 9.67
N SER J 19 -7.43 -53.90 10.26
CA SER J 19 -6.99 -54.89 11.24
C SER J 19 -6.51 -54.13 12.45
N CYS J 20 -6.74 -54.69 13.64
CA CYS J 20 -6.28 -54.08 14.88
C CYS J 20 -5.63 -55.13 15.75
N ALA J 21 -4.36 -54.91 16.10
CA ALA J 21 -3.57 -55.90 16.83
C ALA J 21 -3.49 -55.53 18.29
N ALA J 22 -3.98 -56.40 19.17
CA ALA J 22 -4.05 -56.12 20.60
C ALA J 22 -2.98 -56.87 21.37
N SER J 23 -2.46 -56.21 22.40
CA SER J 23 -1.49 -56.82 23.31
C SER J 23 -1.61 -56.21 24.71
N GLY J 24 -1.12 -56.94 25.71
CA GLY J 24 -1.08 -56.43 27.08
C GLY J 24 -2.34 -56.61 27.88
N PHE J 25 -3.31 -57.36 27.36
CA PHE J 25 -4.49 -57.69 28.16
C PHE J 25 -5.19 -58.93 27.62
N THR J 26 -6.09 -59.51 28.43
CA THR J 26 -6.81 -60.70 28.03
C THR J 26 -7.88 -60.30 26.99
N PHE J 27 -7.48 -60.40 25.73
CA PHE J 27 -8.28 -60.00 24.56
C PHE J 27 -9.59 -60.76 24.49
N SER J 28 -9.50 -62.10 24.62
CA SER J 28 -10.65 -63.01 24.66
C SER J 28 -11.81 -62.48 25.51
N ASP J 29 -11.48 -61.83 26.63
CA ASP J 29 -12.47 -61.39 27.61
C ASP J 29 -12.94 -59.94 27.44
N GLU J 30 -12.54 -59.28 26.35
CA GLU J 30 -12.84 -57.86 26.19
C GLU J 30 -13.74 -57.52 24.99
N ASP J 31 -14.84 -56.81 25.28
CA ASP J 31 -15.73 -56.27 24.25
C ASP J 31 -14.99 -55.12 23.56
N MET J 32 -14.84 -55.23 22.23
CA MET J 32 -14.09 -54.26 21.43
C MET J 32 -14.99 -53.46 20.48
N SER J 33 -14.60 -52.23 20.20
CA SER J 33 -15.32 -51.35 19.28
C SER J 33 -14.40 -50.80 18.21
N TRP J 34 -14.98 -50.41 17.08
CA TRP J 34 -14.32 -49.52 16.14
C TRP J 34 -15.01 -48.19 16.25
N VAL J 35 -14.22 -47.12 16.23
CA VAL J 35 -14.79 -45.77 16.21
C VAL J 35 -14.05 -44.98 15.16
N ARG J 36 -14.61 -43.88 14.72
CA ARG J 36 -13.96 -43.12 13.67
C ARG J 36 -14.16 -41.63 13.79
N GLN J 37 -13.23 -40.90 13.19
CA GLN J 37 -13.27 -39.47 13.22
C GLN J 37 -13.19 -38.92 11.82
N ALA J 38 -14.34 -38.48 11.30
CA ALA J 38 -14.39 -37.79 10.01
C ALA J 38 -13.70 -36.42 10.12
N PRO J 39 -13.16 -35.89 9.00
CA PRO J 39 -12.38 -34.66 9.06
C PRO J 39 -13.24 -33.52 9.59
N GLY J 40 -12.75 -32.84 10.62
CA GLY J 40 -13.47 -31.75 11.26
C GLY J 40 -14.53 -32.17 12.26
N LYS J 41 -15.11 -33.36 12.08
CA LYS J 41 -16.12 -33.91 13.00
C LYS J 41 -15.44 -34.54 14.25
N GLY J 42 -16.27 -35.02 15.18
CA GLY J 42 -15.78 -35.69 16.40
C GLY J 42 -15.69 -37.21 16.23
N LEU J 43 -15.64 -37.91 17.36
CA LEU J 43 -15.56 -39.36 17.34
C LEU J 43 -16.96 -39.96 17.24
N GLU J 44 -17.12 -40.87 16.27
CA GLU J 44 -18.38 -41.53 15.98
C GLU J 44 -18.16 -43.02 16.10
N TRP J 45 -19.00 -43.69 16.88
CA TRP J 45 -18.92 -45.13 17.09
C TRP J 45 -19.47 -45.86 15.88
N VAL J 46 -18.71 -46.84 15.38
CA VAL J 46 -19.07 -47.50 14.12
C VAL J 46 -19.65 -48.87 14.40
N SER J 47 -18.92 -49.69 15.18
CA SER J 47 -19.32 -51.07 15.41
C SER J 47 -18.70 -51.63 16.67
N ALA J 48 -19.25 -52.73 17.17
CA ALA J 48 -18.73 -53.38 18.38
C ALA J 48 -18.95 -54.88 18.35
N ILE J 49 -18.15 -55.61 19.12
CA ILE J 49 -18.22 -57.06 19.14
C ILE J 49 -17.89 -57.60 20.52
N SER J 50 -18.62 -58.63 20.94
CA SER J 50 -18.40 -59.22 22.26
C SER J 50 -17.10 -60.01 22.28
N GLY J 51 -16.60 -60.29 23.48
CA GLY J 51 -15.36 -61.07 23.63
C GLY J 51 -15.39 -62.38 22.86
N SER J 52 -16.44 -63.15 23.04
CA SER J 52 -16.61 -64.42 22.34
C SER J 52 -16.73 -64.24 20.83
N GLY J 53 -17.24 -63.10 20.40
CA GLY J 53 -17.58 -62.88 18.99
C GLY J 53 -19.04 -63.21 18.69
N GLY J 54 -19.77 -63.66 19.72
CA GLY J 54 -21.15 -64.11 19.56
C GLY J 54 -22.18 -63.02 19.35
N SER J 55 -21.88 -61.80 19.79
CA SER J 55 -22.77 -60.66 19.60
C SER J 55 -22.03 -59.54 18.86
N THR J 56 -22.65 -59.01 17.82
CA THR J 56 -22.10 -57.88 17.07
C THR J 56 -23.12 -56.74 17.03
N TYR J 57 -22.63 -55.52 16.84
CA TYR J 57 -23.43 -54.32 16.89
C TYR J 57 -22.89 -53.31 15.88
N TYR J 58 -23.79 -52.62 15.18
CA TYR J 58 -23.42 -51.66 14.15
C TYR J 58 -24.21 -50.35 14.28
N ALA J 59 -23.58 -49.23 13.94
CA ALA J 59 -24.29 -47.96 13.82
C ALA J 59 -25.16 -48.00 12.58
N ASP J 60 -26.29 -47.31 12.64
CA ASP J 60 -27.23 -47.31 11.52
C ASP J 60 -26.57 -47.00 10.18
N SER J 61 -25.61 -46.06 10.18
CA SER J 61 -24.93 -45.62 8.96
C SER J 61 -24.15 -46.73 8.26
N VAL J 62 -23.69 -47.71 9.02
CA VAL J 62 -22.88 -48.77 8.44
C VAL J 62 -23.56 -50.15 8.42
N LYS J 63 -24.69 -50.29 9.10
CA LYS J 63 -25.39 -51.57 9.17
C LYS J 63 -25.60 -52.10 7.74
N GLY J 64 -25.16 -53.33 7.51
CA GLY J 64 -25.33 -53.96 6.20
C GLY J 64 -24.17 -53.76 5.23
N ARG J 65 -23.25 -52.87 5.56
CA ARG J 65 -22.09 -52.62 4.70
C ARG J 65 -20.81 -53.09 5.35
N PHE J 66 -20.71 -52.92 6.66
CA PHE J 66 -19.52 -53.29 7.42
C PHE J 66 -19.77 -54.55 8.18
N THR J 67 -18.73 -55.32 8.40
CA THR J 67 -18.80 -56.51 9.22
C THR J 67 -17.62 -56.51 10.19
N ILE J 68 -17.94 -56.57 11.48
CA ILE J 68 -16.91 -56.63 12.51
C ILE J 68 -16.66 -58.09 12.82
N SER J 69 -15.42 -58.44 13.08
CA SER J 69 -15.08 -59.80 13.49
C SER J 69 -13.77 -59.82 14.27
N ARG J 70 -13.46 -60.96 14.88
CA ARG J 70 -12.23 -61.11 15.64
C ARG J 70 -11.67 -62.51 15.58
N ASP J 71 -10.37 -62.62 15.85
CA ASP J 71 -9.66 -63.89 15.91
C ASP J 71 -8.89 -63.86 17.21
N ASN J 72 -9.45 -64.50 18.23
CA ASN J 72 -8.86 -64.43 19.56
C ASN J 72 -7.55 -65.20 19.64
N SER J 73 -7.39 -66.23 18.82
CA SER J 73 -6.12 -66.95 18.70
C SER J 73 -4.98 -66.00 18.31
N LYS J 74 -5.27 -65.08 17.40
CA LYS J 74 -4.27 -64.12 16.92
C LYS J 74 -4.41 -62.73 17.56
N ASN J 75 -5.21 -62.62 18.63
CA ASN J 75 -5.41 -61.35 19.34
C ASN J 75 -5.61 -60.19 18.37
N THR J 76 -6.57 -60.35 17.46
CA THR J 76 -6.79 -59.39 16.39
C THR J 76 -8.27 -59.10 16.15
N LEU J 77 -8.56 -57.84 15.85
CA LEU J 77 -9.91 -57.38 15.55
C LEU J 77 -9.93 -56.92 14.11
N TYR J 78 -11.06 -57.12 13.44
CA TYR J 78 -11.19 -56.79 12.03
C TYR J 78 -12.42 -55.96 11.76
N LEU J 79 -12.33 -55.08 10.76
CA LEU J 79 -13.50 -54.40 10.20
C LEU J 79 -13.45 -54.54 8.69
N GLN J 80 -14.38 -55.31 8.14
CA GLN J 80 -14.55 -55.44 6.70
C GLN J 80 -15.50 -54.33 6.26
N MET J 81 -15.02 -53.42 5.43
CA MET J 81 -15.82 -52.30 4.97
C MET J 81 -16.15 -52.50 3.51
N ASN J 82 -17.44 -52.56 3.17
CA ASN J 82 -17.90 -52.71 1.79
C ASN J 82 -18.79 -51.56 1.37
N SER J 83 -19.07 -51.47 0.07
CA SER J 83 -19.93 -50.42 -0.47
C SER J 83 -19.58 -49.05 0.16
N LEU J 84 -18.29 -48.72 0.14
CA LEU J 84 -17.80 -47.50 0.79
C LEU J 84 -18.33 -46.24 0.09
N ARG J 85 -18.58 -45.19 0.88
CA ARG J 85 -19.08 -43.90 0.39
C ARG J 85 -18.22 -42.76 1.01
N ALA J 86 -18.39 -41.55 0.47
CA ALA J 86 -17.66 -40.36 0.95
C ALA J 86 -17.72 -40.21 2.48
N GLU J 87 -18.93 -40.34 3.05
CA GLU J 87 -19.15 -40.31 4.51
C GLU J 87 -18.21 -41.22 5.30
N ASP J 88 -17.70 -42.28 4.67
CA ASP J 88 -16.81 -43.21 5.36
C ASP J 88 -15.36 -42.74 5.50
N THR J 89 -14.99 -41.66 4.81
CA THR J 89 -13.68 -41.07 4.95
C THR J 89 -13.49 -40.61 6.39
N ALA J 90 -12.46 -41.15 7.04
CA ALA J 90 -12.19 -40.84 8.45
C ALA J 90 -10.93 -41.55 8.92
N VAL J 91 -10.45 -41.18 10.10
CA VAL J 91 -9.41 -41.96 10.75
C VAL J 91 -10.12 -42.96 11.64
N TYR J 92 -9.81 -44.24 11.48
CA TYR J 92 -10.49 -45.30 12.22
C TYR J 92 -9.62 -45.76 13.38
N TYR J 93 -10.24 -45.99 14.53
CA TYR J 93 -9.55 -46.46 15.73
C TYR J 93 -10.24 -47.69 16.28
N CYS J 94 -9.49 -48.68 16.74
CA CYS J 94 -10.11 -49.74 17.55
C CYS J 94 -9.93 -49.35 19.02
N ALA J 95 -10.85 -49.81 19.86
CA ALA J 95 -10.88 -49.43 21.28
C ALA J 95 -11.62 -50.47 22.11
N LYS J 96 -11.24 -50.59 23.37
CA LYS J 96 -12.03 -51.37 24.31
C LYS J 96 -13.35 -50.67 24.54
N SER J 97 -14.45 -51.36 24.34
CA SER J 97 -15.77 -50.76 24.43
C SER J 97 -16.04 -50.16 25.82
N TYR J 98 -15.63 -50.84 26.88
CA TYR J 98 -16.00 -50.39 28.22
C TYR J 98 -14.82 -50.09 29.12
N GLY J 99 -13.62 -49.95 28.59
CA GLY J 99 -12.48 -49.74 29.48
C GLY J 99 -12.39 -48.33 30.08
N ALA J 100 -13.29 -47.47 29.64
CA ALA J 100 -13.00 -46.06 29.60
C ALA J 100 -13.67 -45.05 30.53
N PHE J 101 -14.88 -44.57 30.23
CA PHE J 101 -16.21 -44.99 30.71
C PHE J 101 -17.25 -46.07 30.30
N ASP J 102 -18.28 -46.09 31.15
CA ASP J 102 -19.63 -46.60 30.90
C ASP J 102 -20.56 -45.48 30.37
N TYR J 103 -20.58 -45.36 29.05
CA TYR J 103 -21.39 -44.37 28.35
C TYR J 103 -22.85 -44.40 28.74
N TRP J 104 -23.47 -45.57 28.74
CA TRP J 104 -24.91 -45.63 29.03
C TRP J 104 -25.22 -45.19 30.44
N GLY J 105 -24.28 -45.40 31.35
CA GLY J 105 -24.53 -45.07 32.75
C GLY J 105 -24.29 -43.62 33.10
N GLN J 106 -23.72 -42.87 32.16
CA GLN J 106 -23.08 -41.63 32.52
C GLN J 106 -23.61 -40.45 31.75
N GLY J 107 -23.22 -39.27 32.23
CA GLY J 107 -23.35 -37.98 31.53
C GLY J 107 -24.28 -37.04 32.27
N THR J 108 -23.84 -35.79 32.48
CA THR J 108 -24.76 -34.67 32.84
C THR J 108 -24.90 -33.71 31.67
N LEU J 109 -26.09 -33.18 31.54
CA LEU J 109 -26.41 -32.29 30.46
C LEU J 109 -26.11 -30.88 30.90
N VAL J 110 -25.37 -30.14 30.07
CA VAL J 110 -25.19 -28.70 30.28
C VAL J 110 -25.94 -28.00 29.15
N THR J 111 -26.69 -26.96 29.50
CA THR J 111 -27.56 -26.26 28.57
C THR J 111 -27.34 -24.75 28.67
N VAL J 112 -26.69 -24.20 27.64
CA VAL J 112 -26.54 -22.76 27.52
C VAL J 112 -27.67 -22.20 26.66
N SER J 113 -28.68 -21.59 27.27
CA SER J 113 -29.82 -21.06 26.54
C SER J 113 -29.69 -19.55 26.46
#